data_4GQJ
# 
_entry.id   4GQJ 
# 
_audit_conform.dict_name       mmcif_pdbx.dic 
_audit_conform.dict_version    5.387 
_audit_conform.dict_location   http://mmcif.pdb.org/dictionaries/ascii/mmcif_pdbx.dic 
# 
loop_
_database_2.database_id 
_database_2.database_code 
_database_2.pdbx_database_accession 
_database_2.pdbx_DOI 
PDB   4GQJ         pdb_00004gqj 10.2210/pdb4gqj/pdb 
NDB   NA2051       ?            ?                   
RCSB  RCSB074512   ?            ?                   
WWPDB D_1000074512 ?            ?                   
# 
loop_
_pdbx_audit_revision_history.ordinal 
_pdbx_audit_revision_history.data_content_type 
_pdbx_audit_revision_history.major_revision 
_pdbx_audit_revision_history.minor_revision 
_pdbx_audit_revision_history.revision_date 
1 'Structure model' 1 0 2014-03-05 
2 'Structure model' 1 1 2024-02-28 
3 'Structure model' 1 2 2024-03-13 
# 
_pdbx_audit_revision_details.ordinal             1 
_pdbx_audit_revision_details.revision_ordinal    1 
_pdbx_audit_revision_details.data_content_type   'Structure model' 
_pdbx_audit_revision_details.provider            repository 
_pdbx_audit_revision_details.type                'Initial release' 
_pdbx_audit_revision_details.description         ? 
_pdbx_audit_revision_details.details             ? 
# 
loop_
_pdbx_audit_revision_group.ordinal 
_pdbx_audit_revision_group.revision_ordinal 
_pdbx_audit_revision_group.data_content_type 
_pdbx_audit_revision_group.group 
1 2 'Structure model' 'Data collection'      
2 2 'Structure model' 'Database references'  
3 2 'Structure model' 'Derived calculations' 
4 3 'Structure model' 'Source and taxonomy'  
5 3 'Structure model' 'Structure summary'    
# 
loop_
_pdbx_audit_revision_category.ordinal 
_pdbx_audit_revision_category.revision_ordinal 
_pdbx_audit_revision_category.data_content_type 
_pdbx_audit_revision_category.category 
1 2 'Structure model' chem_comp_atom      
2 2 'Structure model' chem_comp_bond      
3 2 'Structure model' database_2          
4 2 'Structure model' struct_site         
5 3 'Structure model' entity              
6 3 'Structure model' pdbx_entity_src_syn 
# 
loop_
_pdbx_audit_revision_item.ordinal 
_pdbx_audit_revision_item.revision_ordinal 
_pdbx_audit_revision_item.data_content_type 
_pdbx_audit_revision_item.item 
1 2 'Structure model' '_database_2.pdbx_DOI'                
2 2 'Structure model' '_database_2.pdbx_database_accession' 
3 2 'Structure model' '_struct_site.pdbx_auth_asym_id'      
4 2 'Structure model' '_struct_site.pdbx_auth_comp_id'      
5 2 'Structure model' '_struct_site.pdbx_auth_seq_id'       
6 3 'Structure model' '_entity.details'                     
# 
_pdbx_database_status.status_code                     REL 
_pdbx_database_status.entry_id                        4GQJ 
_pdbx_database_status.recvd_initial_deposition_date   2012-08-23 
_pdbx_database_status.deposit_site                    RCSB 
_pdbx_database_status.process_site                    RCSB 
_pdbx_database_status.status_code_sf                  REL 
_pdbx_database_status.status_code_mr                  ? 
_pdbx_database_status.SG_entry                        ? 
_pdbx_database_status.status_code_cs                  ? 
_pdbx_database_status.methods_development_category    ? 
_pdbx_database_status.pdb_format_compatible           Y 
_pdbx_database_status.status_code_nmr_data            ? 
# 
loop_
_pdbx_database_related.db_name 
_pdbx_database_related.db_id 
_pdbx_database_related.details 
_pdbx_database_related.content_type 
PDB 3s80 'mononuclear Ru-dppz bound to DNA' unspecified 
PDB 3qrn 'mononuclear Ru-dppz bound to DNA' unspecified 
PDB 4e1u 'mononuclear Ru-dppz bound to DNA' unspecified 
PDB 3u38 'mononuclear Ru-dppz bound to DNA' unspecified 
PDB 4e7y 'mononuclear Ru-dppz bound to DNA' unspecified 
# 
loop_
_audit_author.name 
_audit_author.pdbx_ordinal 
'Boer, D.R.' 1 
'Coll, M.'   2 
# 
_citation.id                        primary 
_citation.title                     
;Thread Insertion of a Bis(dipyridophenazine) Diruthenium Complex into the DNA Double Helix by the Extrusion of AT Base Pairs and Cross-Linking of DNA Duplexes.
;
_citation.journal_abbrev            Angew.Chem.Int.Ed.Engl. 
_citation.journal_volume            53 
_citation.page_first                1949 
_citation.page_last                 1952 
_citation.year                      2014 
_citation.journal_id_ASTM           ? 
_citation.country                   GE 
_citation.journal_id_ISSN           1433-7851 
_citation.journal_id_CSD            9999 
_citation.book_publisher            ? 
_citation.pdbx_database_id_PubMed   24449275 
_citation.pdbx_database_id_DOI      10.1002/anie.201308070 
# 
loop_
_citation_author.citation_id 
_citation_author.name 
_citation_author.ordinal 
_citation_author.identifier_ORCID 
primary 'Boer, D.R.'  1 ? 
primary 'Wu, L.'      2 ? 
primary 'Lincoln, P.' 3 ? 
primary 'Coll, M.'    4 ? 
# 
loop_
_entity.id 
_entity.type 
_entity.src_method 
_entity.pdbx_description 
_entity.formula_weight 
_entity.pdbx_number_of_molecules 
_entity.pdbx_ec 
_entity.pdbx_mutation 
_entity.pdbx_fragment 
_entity.details 
1 polymer     syn 
;DNA (5'-D(*CP*GP*TP*AP*CP*G)-3')
;
1809.217 2  ? ? ? ?                                 
2 non-polymer syn 
;(mu-11,11'-bidipyrido[3,2-a:2',3'-c]phenazine-1kappa~2~N~4~,N~5~:2kappa~2~N~4'~,N~5'~)[tetrakis(1,10-phenanthroline-kappa~2~N~1~,N~10~)]diruthenium
;
1485.543 1  ? ? ? 'Synthesized by citation authors' 
3 water       nat water 18.015   16 ? ? ? 'Synthesized by citation authors' 
# 
_entity_poly.entity_id                      1 
_entity_poly.type                           polydeoxyribonucleotide 
_entity_poly.nstd_linkage                   no 
_entity_poly.nstd_monomer                   no 
_entity_poly.pdbx_seq_one_letter_code       '(DC)(DG)(DT)(DA)(DC)(DG)' 
_entity_poly.pdbx_seq_one_letter_code_can   CGTACG 
_entity_poly.pdbx_strand_id                 A,B 
_entity_poly.pdbx_target_identifier         ? 
# 
loop_
_pdbx_entity_nonpoly.entity_id 
_pdbx_entity_nonpoly.name 
_pdbx_entity_nonpoly.comp_id 
2 
;(mu-11,11'-bidipyrido[3,2-a:2',3'-c]phenazine-1kappa~2~N~4~,N~5~:2kappa~2~N~4'~,N~5'~)[tetrakis(1,10-phenanthroline-kappa~2~N~1~,N~10~)]diruthenium
;
RR2 
3 water HOH 
# 
loop_
_entity_poly_seq.entity_id 
_entity_poly_seq.num 
_entity_poly_seq.mon_id 
_entity_poly_seq.hetero 
1 1 DC n 
1 2 DG n 
1 3 DT n 
1 4 DA n 
1 5 DC n 
1 6 DG n 
# 
_pdbx_entity_src_syn.entity_id              1 
_pdbx_entity_src_syn.pdbx_src_id            1 
_pdbx_entity_src_syn.pdbx_alt_source_flag   sample 
_pdbx_entity_src_syn.pdbx_beg_seq_num       ? 
_pdbx_entity_src_syn.pdbx_end_seq_num       ? 
_pdbx_entity_src_syn.organism_scientific    ? 
_pdbx_entity_src_syn.organism_common_name   ? 
_pdbx_entity_src_syn.ncbi_taxonomy_id       ? 
_pdbx_entity_src_syn.details                'Acquired from biomers (Germany)' 
# 
loop_
_chem_comp.id 
_chem_comp.type 
_chem_comp.mon_nstd_flag 
_chem_comp.name 
_chem_comp.pdbx_synonyms 
_chem_comp.formula 
_chem_comp.formula_weight 
DA  'DNA linking' y "2'-DEOXYADENOSINE-5'-MONOPHOSPHATE" ? 'C10 H14 N5 O6 P' 331.222  
DC  'DNA linking' y "2'-DEOXYCYTIDINE-5'-MONOPHOSPHATE" ? 'C9 H14 N3 O7 P'  307.197  
DG  'DNA linking' y "2'-DEOXYGUANOSINE-5'-MONOPHOSPHATE" ? 'C10 H14 N5 O7 P' 347.221  
DT  'DNA linking' y "THYMIDINE-5'-MONOPHOSPHATE" ? 'C10 H15 N2 O8 P' 322.208  
HOH non-polymer   . WATER ? 'H2 O'            18.015   
RR2 non-polymer   . 
;(mu-11,11'-bidipyrido[3,2-a:2',3'-c]phenazine-1kappa~2~N~4~,N~5~:2kappa~2~N~4'~,N~5'~)[tetrakis(1,10-phenanthroline-kappa~2~N~1~,N~10~)]diruthenium
;
? 'C84 H50 N16 Ru2' 1485.543 
# 
loop_
_pdbx_poly_seq_scheme.asym_id 
_pdbx_poly_seq_scheme.entity_id 
_pdbx_poly_seq_scheme.seq_id 
_pdbx_poly_seq_scheme.mon_id 
_pdbx_poly_seq_scheme.ndb_seq_num 
_pdbx_poly_seq_scheme.pdb_seq_num 
_pdbx_poly_seq_scheme.auth_seq_num 
_pdbx_poly_seq_scheme.pdb_mon_id 
_pdbx_poly_seq_scheme.auth_mon_id 
_pdbx_poly_seq_scheme.pdb_strand_id 
_pdbx_poly_seq_scheme.pdb_ins_code 
_pdbx_poly_seq_scheme.hetero 
A 1 1 DC 1 1 1 DC DC A . n 
A 1 2 DG 2 2 2 DG DG A . n 
A 1 3 DT 3 3 3 DT DT A . n 
A 1 4 DA 4 4 4 DA DA A . n 
A 1 5 DC 5 5 5 DC DC A . n 
A 1 6 DG 6 6 6 DG DG A . n 
B 1 1 DC 1 1 1 DC DC B . n 
B 1 2 DG 2 2 2 DG DG B . n 
B 1 3 DT 3 3 3 DT DT B . n 
B 1 4 DA 4 4 4 DA DA B . n 
B 1 5 DC 5 5 5 DC DC B . n 
B 1 6 DG 6 6 6 DG DG B . n 
# 
loop_
_pdbx_nonpoly_scheme.asym_id 
_pdbx_nonpoly_scheme.entity_id 
_pdbx_nonpoly_scheme.mon_id 
_pdbx_nonpoly_scheme.ndb_seq_num 
_pdbx_nonpoly_scheme.pdb_seq_num 
_pdbx_nonpoly_scheme.auth_seq_num 
_pdbx_nonpoly_scheme.pdb_mon_id 
_pdbx_nonpoly_scheme.auth_mon_id 
_pdbx_nonpoly_scheme.pdb_strand_id 
_pdbx_nonpoly_scheme.pdb_ins_code 
C 2 RR2 1  101 1  RR2 RR2 A . 
D 3 HOH 1  201 2  HOH HOH A . 
D 3 HOH 2  202 5  HOH HOH A . 
D 3 HOH 3  203 12 HOH HOH A . 
D 3 HOH 4  204 13 HOH HOH A . 
D 3 HOH 5  205 20 HOH HOH A . 
D 3 HOH 6  206 21 HOH HOH A . 
D 3 HOH 7  207 22 HOH HOH A . 
D 3 HOH 8  208 27 HOH HOH A . 
D 3 HOH 9  209 28 HOH HOH A . 
D 3 HOH 10 210 29 HOH HOH A . 
D 3 HOH 11 211 30 HOH HOH A . 
D 3 HOH 12 212 31 HOH HOH A . 
E 3 HOH 1  101 1  HOH HOH B . 
E 3 HOH 2  102 6  HOH HOH B . 
E 3 HOH 3  103 14 HOH HOH B . 
E 3 HOH 4  104 18 HOH HOH B . 
# 
loop_
_pdbx_unobs_or_zero_occ_atoms.id 
_pdbx_unobs_or_zero_occ_atoms.PDB_model_num 
_pdbx_unobs_or_zero_occ_atoms.polymer_flag 
_pdbx_unobs_or_zero_occ_atoms.occupancy_flag 
_pdbx_unobs_or_zero_occ_atoms.auth_asym_id 
_pdbx_unobs_or_zero_occ_atoms.auth_comp_id 
_pdbx_unobs_or_zero_occ_atoms.auth_seq_id 
_pdbx_unobs_or_zero_occ_atoms.PDB_ins_code 
_pdbx_unobs_or_zero_occ_atoms.auth_atom_id 
_pdbx_unobs_or_zero_occ_atoms.label_alt_id 
_pdbx_unobs_or_zero_occ_atoms.label_asym_id 
_pdbx_unobs_or_zero_occ_atoms.label_comp_id 
_pdbx_unobs_or_zero_occ_atoms.label_seq_id 
_pdbx_unobs_or_zero_occ_atoms.label_atom_id 
1  1 Y 1 B DG 6 ? "C4'" ? B DG 6 "C4'" 
2  1 Y 1 B DG 6 ? "O4'" ? B DG 6 "O4'" 
3  1 Y 1 B DG 6 ? "C3'" ? B DG 6 "C3'" 
4  1 Y 1 B DG 6 ? "O3'" ? B DG 6 "O3'" 
5  1 Y 1 B DG 6 ? "C2'" ? B DG 6 "C2'" 
6  1 Y 1 B DG 6 ? "C1'" ? B DG 6 "C1'" 
7  1 Y 1 B DG 6 ? N9    ? B DG 6 N9    
8  1 Y 1 B DG 6 ? C8    ? B DG 6 C8    
9  1 Y 1 B DG 6 ? N7    ? B DG 6 N7    
10 1 Y 1 B DG 6 ? C5    ? B DG 6 C5    
11 1 Y 1 B DG 6 ? C6    ? B DG 6 C6    
12 1 Y 1 B DG 6 ? O6    ? B DG 6 O6    
13 1 Y 1 B DG 6 ? N1    ? B DG 6 N1    
14 1 Y 1 B DG 6 ? C2    ? B DG 6 C2    
15 1 Y 1 B DG 6 ? N2    ? B DG 6 N2    
16 1 Y 1 B DG 6 ? N3    ? B DG 6 N3    
17 1 Y 1 B DG 6 ? C4    ? B DG 6 C4    
# 
loop_
_software.name 
_software.classification 
_software.version 
_software.citation_id 
_software.pdbx_ordinal 
MxCuBE 'data collection' .                            ? 1 
SHELXS phasing           .                            ? 2 
PHENIX refinement        '(phenix.refine: 1.7.1_743)' ? 3 
MOSFLM 'data reduction'  .                            ? 4 
SCALA  'data scaling'    .                            ? 5 
# 
_cell.entry_id           4GQJ 
_cell.length_a           85.429 
_cell.length_b           85.429 
_cell.length_c           85.429 
_cell.angle_alpha        90.00 
_cell.angle_beta         90.00 
_cell.angle_gamma        90.00 
_cell.Z_PDB              48 
_cell.pdbx_unique_axis   ? 
_cell.length_a_esd       ? 
_cell.length_b_esd       ? 
_cell.length_c_esd       ? 
_cell.angle_alpha_esd    ? 
_cell.angle_beta_esd     ? 
_cell.angle_gamma_esd    ? 
# 
_symmetry.entry_id                         4GQJ 
_symmetry.space_group_name_H-M             'P 41 3 2' 
_symmetry.pdbx_full_space_group_name_H-M   ? 
_symmetry.cell_setting                     ? 
_symmetry.Int_Tables_number                213 
_symmetry.space_group_name_Hall            ? 
# 
_exptl.entry_id          4GQJ 
_exptl.method            'X-RAY DIFFRACTION' 
_exptl.crystals_number   1 
# 
_exptl_crystal.id                    1 
_exptl_crystal.density_meas          ? 
_exptl_crystal.density_Matthews      7.18 
_exptl_crystal.density_percent_sol   82.87 
_exptl_crystal.description           ? 
_exptl_crystal.F_000                 ? 
_exptl_crystal.preparation           ? 
# 
_exptl_crystal_grow.crystal_id      1 
_exptl_crystal_grow.method          'VAPOR DIFFUSION, SITTING DROP' 
_exptl_crystal_grow.temp            298 
_exptl_crystal_grow.temp_details    ? 
_exptl_crystal_grow.pH              8.0 
_exptl_crystal_grow.pdbx_details    
;buffer:   
0.2 M KCl  
10 mM MgCl2  
35% hexanediol  
50 mM TRIS.HCl pH 8  
  
drop composition:  
0.5 ul 10 mM binuclear Ru compound  
0.5 ul 10 mM [ssDNA] 5'-d(CGTACG)-3'  
1 ul cryst. buffer  
0.5 ul , VAPOR DIFFUSION, SITTING DROP, temperature 298K
;
_exptl_crystal_grow.pdbx_pH_range   ? 
# 
_diffrn.id                     1 
_diffrn.ambient_temp           100 
_diffrn.ambient_temp_details   ? 
_diffrn.crystal_id             1 
# 
_diffrn_detector.diffrn_id              1 
_diffrn_detector.detector               CCD 
_diffrn_detector.type                   'ADSC QUANTUM 315r' 
_diffrn_detector.pdbx_collection_date   2009-06-14 
_diffrn_detector.details                ? 
# 
_diffrn_radiation.diffrn_id                        1 
_diffrn_radiation.wavelength_id                    1 
_diffrn_radiation.pdbx_monochromatic_or_laue_m_l   M 
_diffrn_radiation.monochromator                    'channel-cut Si(111) crystal' 
_diffrn_radiation.pdbx_diffrn_protocol             'SINGLE WAVELENGTH' 
_diffrn_radiation.pdbx_scattering_type             x-ray 
# 
_diffrn_radiation_wavelength.id           1 
_diffrn_radiation_wavelength.wavelength   1.07205 
_diffrn_radiation_wavelength.wt           1.0 
# 
_diffrn_source.diffrn_id                   1 
_diffrn_source.source                      SYNCHROTRON 
_diffrn_source.type                        'ESRF BEAMLINE ID29' 
_diffrn_source.pdbx_synchrotron_site       ESRF 
_diffrn_source.pdbx_synchrotron_beamline   ID29 
_diffrn_source.pdbx_wavelength             ? 
_diffrn_source.pdbx_wavelength_list        1.07205 
# 
_reflns.entry_id                     4GQJ 
_reflns.observed_criterion_sigma_I   -3.0 
_reflns.observed_criterion_sigma_F   0.0 
_reflns.d_resolution_low             50 
_reflns.d_resolution_high            2.95 
_reflns.number_obs                   2419 
_reflns.number_all                   2419 
_reflns.percent_possible_obs         97 
_reflns.pdbx_Rmerge_I_obs            0.118 
_reflns.pdbx_Rsym_value              ? 
_reflns.pdbx_netI_over_sigmaI        10.3 
_reflns.B_iso_Wilson_estimate        73.4 
_reflns.pdbx_redundancy              4.4 
_reflns.R_free_details               ? 
_reflns.limit_h_max                  ? 
_reflns.limit_h_min                  ? 
_reflns.limit_k_max                  ? 
_reflns.limit_k_min                  ? 
_reflns.limit_l_max                  ? 
_reflns.limit_l_min                  ? 
_reflns.observed_criterion_F_max     ? 
_reflns.observed_criterion_F_min     ? 
_reflns.pdbx_chi_squared             ? 
_reflns.pdbx_scaling_rejects         ? 
_reflns.pdbx_ordinal                 1 
_reflns.pdbx_diffrn_id               1 
# 
_reflns_shell.d_res_high             2.95 
_reflns_shell.d_res_low              3.11 
_reflns_shell.percent_possible_all   99 
_reflns_shell.Rmerge_I_obs           0.62 
_reflns_shell.pdbx_Rsym_value        ? 
_reflns_shell.meanI_over_sigI_obs    2.1 
_reflns_shell.pdbx_redundancy        4.6 
_reflns_shell.percent_possible_obs   ? 
_reflns_shell.number_unique_all      343 
_reflns_shell.number_measured_all    ? 
_reflns_shell.number_measured_obs    ? 
_reflns_shell.number_unique_obs      ? 
_reflns_shell.pdbx_chi_squared       ? 
_reflns_shell.pdbx_ordinal           1 
_reflns_shell.pdbx_diffrn_id         1 
# 
_refine.entry_id                                 4GQJ 
_refine.ls_number_reflns_obs                     2396 
_refine.ls_number_reflns_all                     2419 
_refine.pdbx_ls_sigma_I                          ? 
_refine.pdbx_ls_sigma_F                          1.36 
_refine.pdbx_data_cutoff_high_absF               ? 
_refine.pdbx_data_cutoff_low_absF                ? 
_refine.pdbx_data_cutoff_high_rms_absF           ? 
_refine.ls_d_res_low                             38.205 
_refine.ls_d_res_high                            2.951 
_refine.ls_percent_reflns_obs                    95.34 
_refine.ls_R_factor_obs                          0.1786 
_refine.ls_R_factor_all                          ? 
_refine.ls_R_factor_R_work                       0.1773 
_refine.ls_R_factor_R_free                       0.2065 
_refine.ls_R_factor_R_free_error                 ? 
_refine.ls_R_factor_R_free_error_details         ? 
_refine.ls_percent_reflns_R_free                 4.34 
_refine.ls_number_reflns_R_free                  104 
_refine.ls_number_parameters                     ? 
_refine.ls_number_restraints                     ? 
_refine.occupancy_min                            ? 
_refine.occupancy_max                            ? 
_refine.correlation_coeff_Fo_to_Fc               ? 
_refine.correlation_coeff_Fo_to_Fc_free          ? 
_refine.B_iso_mean                               ? 
_refine.aniso_B[1][1]                            -0.0000 
_refine.aniso_B[2][2]                            0.0000 
_refine.aniso_B[3][3]                            -0.0000 
_refine.aniso_B[1][2]                            -0.0000 
_refine.aniso_B[1][3]                            -0.0000 
_refine.aniso_B[2][3]                            0.0000 
_refine.solvent_model_details                    'FLAT BULK SOLVENT MODEL' 
_refine.solvent_model_param_ksol                 0.272 
_refine.solvent_model_param_bsol                 19.848 
_refine.pdbx_solvent_vdw_probe_radii             1.00 
_refine.pdbx_solvent_ion_probe_radii             ? 
_refine.pdbx_solvent_shrinkage_radii             0.72 
_refine.pdbx_ls_cross_valid_method               ? 
_refine.details                                  ? 
_refine.pdbx_starting_model                      ? 
_refine.pdbx_method_to_determine_struct          SAD 
_refine.pdbx_isotropic_thermal_model             ? 
_refine.pdbx_stereochemistry_target_values       ML 
_refine.pdbx_stereochem_target_val_spec_case     ? 
_refine.pdbx_R_Free_selection_details            RANDOM 
_refine.pdbx_overall_ESU_R                       ? 
_refine.pdbx_overall_ESU_R_Free                  ? 
_refine.overall_SU_ML                            0.29 
_refine.pdbx_overall_phase_error                 19.82 
_refine.overall_SU_B                             ? 
_refine.overall_SU_R_Cruickshank_DPI             ? 
_refine.ls_redundancy_reflns_obs                 ? 
_refine.B_iso_min                                ? 
_refine.B_iso_max                                ? 
_refine.overall_SU_R_free                        ? 
_refine.ls_wR_factor_R_free                      ? 
_refine.ls_wR_factor_R_work                      ? 
_refine.overall_FOM_free_R_set                   ? 
_refine.overall_FOM_work_R_set                   ? 
_refine.pdbx_diffrn_id                           1 
_refine.pdbx_refine_id                           'X-RAY DIFFRACTION' 
_refine.pdbx_TLS_residual_ADP_flag               ? 
_refine.pdbx_overall_SU_R_free_Cruickshank_DPI   ? 
_refine.pdbx_overall_SU_R_Blow_DPI               ? 
_refine.pdbx_overall_SU_R_free_Blow_DPI          ? 
# 
_refine_hist.pdbx_refine_id                   'X-RAY DIFFRACTION' 
_refine_hist.cycle_id                         LAST 
_refine_hist.pdbx_number_atoms_protein        0 
_refine_hist.pdbx_number_atoms_nucleic_acid   223 
_refine_hist.pdbx_number_atoms_ligand         102 
_refine_hist.number_atoms_solvent             16 
_refine_hist.number_atoms_total               341 
_refine_hist.d_res_high                       2.951 
_refine_hist.d_res_low                        38.205 
# 
loop_
_refine_ls_restr.type 
_refine_ls_restr.dev_ideal 
_refine_ls_restr.dev_ideal_target 
_refine_ls_restr.weight 
_refine_ls_restr.number 
_refine_ls_restr.pdbx_restraint_function 
_refine_ls_restr.pdbx_refine_id 
f_bond_d           0.007  ? ? 383 ? 'X-RAY DIFFRACTION' 
f_angle_d          1.390  ? ? 579 ? 'X-RAY DIFFRACTION' 
f_dihedral_angle_d 34.982 ? ? 123 ? 'X-RAY DIFFRACTION' 
f_chiral_restr     0.085  ? ? 51  ? 'X-RAY DIFFRACTION' 
f_plane_restr      0.007  ? ? 17  ? 'X-RAY DIFFRACTION' 
# 
_refine_ls_shell.pdbx_total_number_of_bins_used   ? 
_refine_ls_shell.d_res_high                       2.9511 
_refine_ls_shell.d_res_low                        ? 
_refine_ls_shell.number_reflns_R_work             2292 
_refine_ls_shell.R_factor_R_work                  0.1773 
_refine_ls_shell.percent_reflns_obs               95.00 
_refine_ls_shell.R_factor_R_free                  0.2065 
_refine_ls_shell.R_factor_R_free_error            ? 
_refine_ls_shell.percent_reflns_R_free            ? 
_refine_ls_shell.number_reflns_R_free             104 
_refine_ls_shell.number_reflns_all                ? 
_refine_ls_shell.R_factor_all                     ? 
_refine_ls_shell.number_reflns_obs                ? 
_refine_ls_shell.redundancy_reflns_obs            ? 
_refine_ls_shell.pdbx_refine_id                   'X-RAY DIFFRACTION' 
# 
_struct.entry_id                  4GQJ 
_struct.title                     
;Complex of a binuclear Ruthenium compound D,D-([mu-(11,11')-bi(dppz)-(1,10-phenanthroline)4-Ru2]4+) bound to d(CGTACG)
;
_struct.pdbx_model_details        ? 
_struct.pdbx_CASP_flag            ? 
_struct.pdbx_model_type_details   ? 
# 
_struct_keywords.entry_id        4GQJ 
_struct_keywords.pdbx_keywords   DNA 
_struct_keywords.text            'DNA recognition, DNA binsinf, DNA' 
# 
loop_
_struct_asym.id 
_struct_asym.pdbx_blank_PDB_chainid_flag 
_struct_asym.pdbx_modified 
_struct_asym.entity_id 
_struct_asym.details 
A N N 1 ? 
B N N 1 ? 
C N N 2 ? 
D N N 3 ? 
E N N 3 ? 
# 
_struct_ref.id                         1 
_struct_ref.db_name                    PDB 
_struct_ref.db_code                    4GQJ 
_struct_ref.pdbx_db_accession          4GQJ 
_struct_ref.entity_id                  1 
_struct_ref.pdbx_align_begin           ? 
_struct_ref.pdbx_seq_one_letter_code   CGTACG 
_struct_ref.pdbx_db_isoform            ? 
# 
loop_
_struct_ref_seq.align_id 
_struct_ref_seq.ref_id 
_struct_ref_seq.pdbx_PDB_id_code 
_struct_ref_seq.pdbx_strand_id 
_struct_ref_seq.seq_align_beg 
_struct_ref_seq.pdbx_seq_align_beg_ins_code 
_struct_ref_seq.seq_align_end 
_struct_ref_seq.pdbx_seq_align_end_ins_code 
_struct_ref_seq.pdbx_db_accession 
_struct_ref_seq.db_align_beg 
_struct_ref_seq.pdbx_db_align_beg_ins_code 
_struct_ref_seq.db_align_end 
_struct_ref_seq.pdbx_db_align_end_ins_code 
_struct_ref_seq.pdbx_auth_seq_align_beg 
_struct_ref_seq.pdbx_auth_seq_align_end 
1 1 4GQJ A 1 ? 6 ? 4GQJ 1 ? 6 ? 1 6 
2 1 4GQJ B 1 ? 6 ? 4GQJ 1 ? 6 ? 1 6 
# 
_pdbx_struct_assembly.id                   1 
_pdbx_struct_assembly.details              author_defined_assembly 
_pdbx_struct_assembly.method_details       ? 
_pdbx_struct_assembly.oligomeric_details   tetrameric 
_pdbx_struct_assembly.oligomeric_count     4 
# 
_pdbx_struct_assembly_gen.assembly_id       1 
_pdbx_struct_assembly_gen.oper_expression   1,2 
_pdbx_struct_assembly_gen.asym_id_list      A,B,C,D,E 
# 
loop_
_pdbx_struct_oper_list.id 
_pdbx_struct_oper_list.type 
_pdbx_struct_oper_list.name 
_pdbx_struct_oper_list.symmetry_operation 
_pdbx_struct_oper_list.matrix[1][1] 
_pdbx_struct_oper_list.matrix[1][2] 
_pdbx_struct_oper_list.matrix[1][3] 
_pdbx_struct_oper_list.vector[1] 
_pdbx_struct_oper_list.matrix[2][1] 
_pdbx_struct_oper_list.matrix[2][2] 
_pdbx_struct_oper_list.matrix[2][3] 
_pdbx_struct_oper_list.vector[2] 
_pdbx_struct_oper_list.matrix[3][1] 
_pdbx_struct_oper_list.matrix[3][2] 
_pdbx_struct_oper_list.matrix[3][3] 
_pdbx_struct_oper_list.vector[3] 
1 'identity operation'         1_555  x,y,z              1.0000000000 0.0000000000 0.0000000000 0.0000000000  0.0000000000 1.0000000000  0.0000000000 0.0000000000 0.0000000000 0.0000000000 1.0000000000  0.0000000000  
2 'crystal symmetry operation' 13_545 y+3/4,x-3/4,-z+1/4 0.0718322882 0.9764152925 0.2036008325 -7.6839601875 0.9764152925 -0.1105074610 0.1854758143 9.9904804547 0.2036008325 0.1854758143 -0.9613248271 -7.4603882814 
# 
_struct_biol.id        1 
_struct_biol.details   ? 
# 
loop_
_struct_conn.id 
_struct_conn.conn_type_id 
_struct_conn.pdbx_leaving_atom_flag 
_struct_conn.pdbx_PDB_id 
_struct_conn.ptnr1_label_asym_id 
_struct_conn.ptnr1_label_comp_id 
_struct_conn.ptnr1_label_seq_id 
_struct_conn.ptnr1_label_atom_id 
_struct_conn.pdbx_ptnr1_label_alt_id 
_struct_conn.pdbx_ptnr1_PDB_ins_code 
_struct_conn.pdbx_ptnr1_standard_comp_id 
_struct_conn.ptnr1_symmetry 
_struct_conn.ptnr2_label_asym_id 
_struct_conn.ptnr2_label_comp_id 
_struct_conn.ptnr2_label_seq_id 
_struct_conn.ptnr2_label_atom_id 
_struct_conn.pdbx_ptnr2_label_alt_id 
_struct_conn.pdbx_ptnr2_PDB_ins_code 
_struct_conn.ptnr1_auth_asym_id 
_struct_conn.ptnr1_auth_comp_id 
_struct_conn.ptnr1_auth_seq_id 
_struct_conn.ptnr2_auth_asym_id 
_struct_conn.ptnr2_auth_comp_id 
_struct_conn.ptnr2_auth_seq_id 
_struct_conn.ptnr2_symmetry 
_struct_conn.pdbx_ptnr3_label_atom_id 
_struct_conn.pdbx_ptnr3_label_seq_id 
_struct_conn.pdbx_ptnr3_label_comp_id 
_struct_conn.pdbx_ptnr3_label_asym_id 
_struct_conn.pdbx_ptnr3_label_alt_id 
_struct_conn.pdbx_ptnr3_PDB_ins_code 
_struct_conn.details 
_struct_conn.pdbx_dist_value 
_struct_conn.pdbx_value_order 
_struct_conn.pdbx_role 
hydrog1  hydrog ? ? A DG 2 N1 ? ? ? 1_555 B DC 5 N3 ? ? A DG 2 B DC 5 1_555 ? ? ? ? ? ? WATSON-CRICK ? ? ? 
hydrog2  hydrog ? ? A DG 2 N2 ? ? ? 1_555 B DC 5 O2 ? ? A DG 2 B DC 5 1_555 ? ? ? ? ? ? WATSON-CRICK ? ? ? 
hydrog3  hydrog ? ? A DG 2 O6 ? ? ? 1_555 B DC 5 N4 ? ? A DG 2 B DC 5 1_555 ? ? ? ? ? ? WATSON-CRICK ? ? ? 
hydrog4  hydrog ? ? A DT 3 N3 ? ? ? 1_555 B DA 4 N1 ? ? A DT 3 B DA 4 1_555 ? ? ? ? ? ? WATSON-CRICK ? ? ? 
hydrog5  hydrog ? ? A DT 3 O4 ? ? ? 1_555 B DA 4 N6 ? ? A DT 3 B DA 4 1_555 ? ? ? ? ? ? WATSON-CRICK ? ? ? 
hydrog6  hydrog ? ? A DC 5 N3 ? ? ? 1_555 B DG 2 N1 ? ? A DC 5 B DG 2 1_555 ? ? ? ? ? ? WATSON-CRICK ? ? ? 
hydrog7  hydrog ? ? A DC 5 N4 ? ? ? 1_555 B DG 2 O6 ? ? A DC 5 B DG 2 1_555 ? ? ? ? ? ? WATSON-CRICK ? ? ? 
hydrog8  hydrog ? ? A DC 5 O2 ? ? ? 1_555 B DG 2 N2 ? ? A DC 5 B DG 2 1_555 ? ? ? ? ? ? WATSON-CRICK ? ? ? 
hydrog9  hydrog ? ? A DG 6 N1 ? ? ? 1_555 B DC 1 N3 ? ? A DG 6 B DC 1 1_555 ? ? ? ? ? ? WATSON-CRICK ? ? ? 
hydrog10 hydrog ? ? A DG 6 N2 ? ? ? 1_555 B DC 1 O2 ? ? A DG 6 B DC 1 1_555 ? ? ? ? ? ? WATSON-CRICK ? ? ? 
hydrog11 hydrog ? ? A DG 6 O6 ? ? ? 1_555 B DC 1 N4 ? ? A DG 6 B DC 1 1_555 ? ? ? ? ? ? WATSON-CRICK ? ? ? 
# 
_struct_conn_type.id          hydrog 
_struct_conn_type.criteria    ? 
_struct_conn_type.reference   ? 
# 
_struct_site.id                   AC1 
_struct_site.pdbx_evidence_code   Software 
_struct_site.pdbx_auth_asym_id    A 
_struct_site.pdbx_auth_comp_id    RR2 
_struct_site.pdbx_auth_seq_id     101 
_struct_site.pdbx_auth_ins_code   ? 
_struct_site.pdbx_num_residues    15 
_struct_site.details              'BINDING SITE FOR RESIDUE RR2 A 101' 
# 
loop_
_struct_site_gen.id 
_struct_site_gen.site_id 
_struct_site_gen.pdbx_num_res 
_struct_site_gen.label_comp_id 
_struct_site_gen.label_asym_id 
_struct_site_gen.label_seq_id 
_struct_site_gen.pdbx_auth_ins_code 
_struct_site_gen.auth_comp_id 
_struct_site_gen.auth_asym_id 
_struct_site_gen.auth_seq_id 
_struct_site_gen.label_atom_id 
_struct_site_gen.label_alt_id 
_struct_site_gen.symmetry 
_struct_site_gen.details 
1  AC1 15 DC A 1 ? DC A 1 . ? 8_544  ? 
2  AC1 15 DG A 2 ? DG A 2 . ? 8_544  ? 
3  AC1 15 DT A 3 ? DT A 3 . ? 8_544  ? 
4  AC1 15 DT A 3 ? DT A 3 . ? 1_555  ? 
5  AC1 15 DA A 4 ? DA A 4 . ? 8_544  ? 
6  AC1 15 DA A 4 ? DA A 4 . ? 1_555  ? 
7  AC1 15 DC A 5 ? DC A 5 . ? 1_555  ? 
8  AC1 15 DG A 6 ? DG A 6 . ? 1_555  ? 
9  AC1 15 DG A 6 ? DG A 6 . ? 13_545 ? 
10 AC1 15 DC B 1 ? DC B 1 . ? 13_545 ? 
11 AC1 15 DG B 2 ? DG B 2 . ? 1_555  ? 
12 AC1 15 DT B 3 ? DT B 3 . ? 13_545 ? 
13 AC1 15 DA B 4 ? DA B 4 . ? 1_555  ? 
14 AC1 15 DC B 5 ? DC B 5 . ? 1_555  ? 
15 AC1 15 DC B 5 ? DC B 5 . ? 8_544  ? 
# 
loop_
_pdbx_validate_rmsd_angle.id 
_pdbx_validate_rmsd_angle.PDB_model_num 
_pdbx_validate_rmsd_angle.auth_atom_id_1 
_pdbx_validate_rmsd_angle.auth_asym_id_1 
_pdbx_validate_rmsd_angle.auth_comp_id_1 
_pdbx_validate_rmsd_angle.auth_seq_id_1 
_pdbx_validate_rmsd_angle.PDB_ins_code_1 
_pdbx_validate_rmsd_angle.label_alt_id_1 
_pdbx_validate_rmsd_angle.auth_atom_id_2 
_pdbx_validate_rmsd_angle.auth_asym_id_2 
_pdbx_validate_rmsd_angle.auth_comp_id_2 
_pdbx_validate_rmsd_angle.auth_seq_id_2 
_pdbx_validate_rmsd_angle.PDB_ins_code_2 
_pdbx_validate_rmsd_angle.label_alt_id_2 
_pdbx_validate_rmsd_angle.auth_atom_id_3 
_pdbx_validate_rmsd_angle.auth_asym_id_3 
_pdbx_validate_rmsd_angle.auth_comp_id_3 
_pdbx_validate_rmsd_angle.auth_seq_id_3 
_pdbx_validate_rmsd_angle.PDB_ins_code_3 
_pdbx_validate_rmsd_angle.label_alt_id_3 
_pdbx_validate_rmsd_angle.angle_value 
_pdbx_validate_rmsd_angle.angle_target_value 
_pdbx_validate_rmsd_angle.angle_deviation 
_pdbx_validate_rmsd_angle.angle_standard_deviation 
_pdbx_validate_rmsd_angle.linker_flag 
1 1 "O4'" A DT 3 ? ? "C1'" A DT 3 ? ? N1    A DT 3 ? ? 110.82 108.30 2.52  0.30 N 
2 1 "O4'" A DA 4 ? ? "C1'" A DA 4 ? ? N9    A DA 4 ? ? 102.76 108.00 -5.24 0.70 N 
3 1 "C3'" A DC 5 ? ? "C2'" A DC 5 ? ? "C1'" A DC 5 ? ? 97.15  102.40 -5.25 0.80 N 
4 1 "O4'" A DC 5 ? ? "C1'" A DC 5 ? ? N1    A DC 5 ? ? 110.91 108.30 2.61  0.30 N 
5 1 "O4'" B DC 1 ? ? "C4'" B DC 1 ? ? "C3'" B DC 1 ? ? 101.70 104.50 -2.80 0.40 N 
6 1 "O4'" B DC 5 ? ? "C1'" B DC 5 ? ? N1    B DC 5 ? ? 112.53 108.30 4.23  0.30 N 
# 
loop_
_chem_comp_atom.comp_id 
_chem_comp_atom.atom_id 
_chem_comp_atom.type_symbol 
_chem_comp_atom.pdbx_aromatic_flag 
_chem_comp_atom.pdbx_stereo_config 
_chem_comp_atom.pdbx_ordinal 
DA  OP3    O  N N 1   
DA  P      P  N N 2   
DA  OP1    O  N N 3   
DA  OP2    O  N N 4   
DA  "O5'"  O  N N 5   
DA  "C5'"  C  N N 6   
DA  "C4'"  C  N R 7   
DA  "O4'"  O  N N 8   
DA  "C3'"  C  N S 9   
DA  "O3'"  O  N N 10  
DA  "C2'"  C  N N 11  
DA  "C1'"  C  N R 12  
DA  N9     N  Y N 13  
DA  C8     C  Y N 14  
DA  N7     N  Y N 15  
DA  C5     C  Y N 16  
DA  C6     C  Y N 17  
DA  N6     N  N N 18  
DA  N1     N  Y N 19  
DA  C2     C  Y N 20  
DA  N3     N  Y N 21  
DA  C4     C  Y N 22  
DA  HOP3   H  N N 23  
DA  HOP2   H  N N 24  
DA  "H5'"  H  N N 25  
DA  "H5''" H  N N 26  
DA  "H4'"  H  N N 27  
DA  "H3'"  H  N N 28  
DA  "HO3'" H  N N 29  
DA  "H2'"  H  N N 30  
DA  "H2''" H  N N 31  
DA  "H1'"  H  N N 32  
DA  H8     H  N N 33  
DA  H61    H  N N 34  
DA  H62    H  N N 35  
DA  H2     H  N N 36  
DC  OP3    O  N N 37  
DC  P      P  N N 38  
DC  OP1    O  N N 39  
DC  OP2    O  N N 40  
DC  "O5'"  O  N N 41  
DC  "C5'"  C  N N 42  
DC  "C4'"  C  N R 43  
DC  "O4'"  O  N N 44  
DC  "C3'"  C  N S 45  
DC  "O3'"  O  N N 46  
DC  "C2'"  C  N N 47  
DC  "C1'"  C  N R 48  
DC  N1     N  N N 49  
DC  C2     C  N N 50  
DC  O2     O  N N 51  
DC  N3     N  N N 52  
DC  C4     C  N N 53  
DC  N4     N  N N 54  
DC  C5     C  N N 55  
DC  C6     C  N N 56  
DC  HOP3   H  N N 57  
DC  HOP2   H  N N 58  
DC  "H5'"  H  N N 59  
DC  "H5''" H  N N 60  
DC  "H4'"  H  N N 61  
DC  "H3'"  H  N N 62  
DC  "HO3'" H  N N 63  
DC  "H2'"  H  N N 64  
DC  "H2''" H  N N 65  
DC  "H1'"  H  N N 66  
DC  H41    H  N N 67  
DC  H42    H  N N 68  
DC  H5     H  N N 69  
DC  H6     H  N N 70  
DG  OP3    O  N N 71  
DG  P      P  N N 72  
DG  OP1    O  N N 73  
DG  OP2    O  N N 74  
DG  "O5'"  O  N N 75  
DG  "C5'"  C  N N 76  
DG  "C4'"  C  N R 77  
DG  "O4'"  O  N N 78  
DG  "C3'"  C  N S 79  
DG  "O3'"  O  N N 80  
DG  "C2'"  C  N N 81  
DG  "C1'"  C  N R 82  
DG  N9     N  Y N 83  
DG  C8     C  Y N 84  
DG  N7     N  Y N 85  
DG  C5     C  Y N 86  
DG  C6     C  N N 87  
DG  O6     O  N N 88  
DG  N1     N  N N 89  
DG  C2     C  N N 90  
DG  N2     N  N N 91  
DG  N3     N  N N 92  
DG  C4     C  Y N 93  
DG  HOP3   H  N N 94  
DG  HOP2   H  N N 95  
DG  "H5'"  H  N N 96  
DG  "H5''" H  N N 97  
DG  "H4'"  H  N N 98  
DG  "H3'"  H  N N 99  
DG  "HO3'" H  N N 100 
DG  "H2'"  H  N N 101 
DG  "H2''" H  N N 102 
DG  "H1'"  H  N N 103 
DG  H8     H  N N 104 
DG  H1     H  N N 105 
DG  H21    H  N N 106 
DG  H22    H  N N 107 
DT  OP3    O  N N 108 
DT  P      P  N N 109 
DT  OP1    O  N N 110 
DT  OP2    O  N N 111 
DT  "O5'"  O  N N 112 
DT  "C5'"  C  N N 113 
DT  "C4'"  C  N R 114 
DT  "O4'"  O  N N 115 
DT  "C3'"  C  N S 116 
DT  "O3'"  O  N N 117 
DT  "C2'"  C  N N 118 
DT  "C1'"  C  N R 119 
DT  N1     N  N N 120 
DT  C2     C  N N 121 
DT  O2     O  N N 122 
DT  N3     N  N N 123 
DT  C4     C  N N 124 
DT  O4     O  N N 125 
DT  C5     C  N N 126 
DT  C7     C  N N 127 
DT  C6     C  N N 128 
DT  HOP3   H  N N 129 
DT  HOP2   H  N N 130 
DT  "H5'"  H  N N 131 
DT  "H5''" H  N N 132 
DT  "H4'"  H  N N 133 
DT  "H3'"  H  N N 134 
DT  "HO3'" H  N N 135 
DT  "H2'"  H  N N 136 
DT  "H2''" H  N N 137 
DT  "H1'"  H  N N 138 
DT  H3     H  N N 139 
DT  H71    H  N N 140 
DT  H72    H  N N 141 
DT  H73    H  N N 142 
DT  H6     H  N N 143 
HOH O      O  N N 144 
HOH H1     H  N N 145 
HOH H2     H  N N 146 
RR2 CA1    C  Y N 147 
RR2 CA2    C  Y N 148 
RR2 CA3    C  Y N 149 
RR2 NA1    N  Y N 150 
RR2 CA4    C  Y N 151 
RR2 CA5    C  Y N 152 
RR2 CA6    C  Y N 153 
RR2 CA7    C  Y N 154 
RR2 CA8    C  Y N 155 
RR2 NA2    N  Y N 156 
RR2 CA9    C  Y N 157 
RR2 CA0    C  Y N 158 
RR2 CAA    C  Y N 159 
RR2 CAB    C  Y N 160 
RR2 CB1    C  Y N 161 
RR2 CB2    C  Y N 162 
RR2 CB3    C  Y N 163 
RR2 NB1    N  Y N 164 
RR2 CB4    C  Y N 165 
RR2 CB5    C  Y N 166 
RR2 CB6    C  Y N 167 
RR2 CB7    C  Y N 168 
RR2 CB8    C  Y N 169 
RR2 NB2    N  Y N 170 
RR2 CB9    C  Y N 171 
RR2 CB0    C  Y N 172 
RR2 CBA    C  Y N 173 
RR2 CBB    C  Y N 174 
RR2 CC1    C  Y N 175 
RR2 CC2    C  Y N 176 
RR2 CC3    C  Y N 177 
RR2 NC1    N  Y N 178 
RR2 CC4    C  Y N 179 
RR2 CC5    C  Y N 180 
RR2 CC6    C  Y N 181 
RR2 CC7    C  Y N 182 
RR2 CC8    C  Y N 183 
RR2 NC2    N  Y N 184 
RR2 CC9    C  Y N 185 
RR2 CC0    C  Y N 186 
RR2 CCA    C  Y N 187 
RR2 CCB    C  Y N 188 
RR2 CD1    C  Y N 189 
RR2 CD2    C  Y N 190 
RR2 CD3    C  Y N 191 
RR2 ND1    N  Y N 192 
RR2 CD4    C  Y N 193 
RR2 CD5    C  Y N 194 
RR2 CD6    C  Y N 195 
RR2 CD7    C  Y N 196 
RR2 CD8    C  Y N 197 
RR2 ND2    N  Y N 198 
RR2 CD9    C  Y N 199 
RR2 CD0    C  Y N 200 
RR2 CDA    C  Y N 201 
RR2 CDB    C  Y N 202 
RR2 RU1    RU N N 203 
RR2 RU2    RU N N 204 
RR2 C11    C  Y N 205 
RR2 C10    C  Y N 206 
RR2 C12    C  Y N 207 
RR2 C13    C  Y N 208 
RR2 C9B    C  Y N 209 
RR2 C9A    C  Y N 210 
RR2 N9     N  Y N 211 
RR2 N14    N  Y N 212 
RR2 C8C    C  Y N 213 
RR2 C8D    C  Y N 214 
RR2 C4A    C  Y N 215 
RR2 N4     N  Y N 216 
RR2 C3     C  Y N 217 
RR2 C2     C  Y N 218 
RR2 C1     C  Y N 219 
RR2 C8B    C  Y N 220 
RR2 C8A    C  Y N 221 
RR2 C4B    C  Y N 222 
RR2 C8     C  Y N 223 
RR2 C7     C  Y N 224 
RR2 C6     C  Y N 225 
RR2 N5     N  Y N 226 
RR2 C31    C  Y N 227 
RR2 C30    C  Y N 228 
RR2 C32    C  Y N 229 
RR2 C33    C  Y N 230 
RR2 C9D    C  Y N 231 
RR2 C9C    C  Y N 232 
RR2 N29    N  Y N 233 
RR2 N      N  Y N 234 
RR2 C8G    C  Y N 235 
RR2 C8H    C  Y N 236 
RR2 C4C    C  Y N 237 
RR2 N24    N  Y N 238 
RR2 C23    C  Y N 239 
RR2 C22    C  Y N 240 
RR2 C21    C  Y N 241 
RR2 C8F    C  Y N 242 
RR2 C8E    C  Y N 243 
RR2 C4D    C  Y N 244 
RR2 C28    C  Y N 245 
RR2 C27    C  Y N 246 
RR2 C26    C  Y N 247 
RR2 N25    N  Y N 248 
RR2 H1     H  N N 249 
RR2 H2     H  N N 250 
RR2 H3     H  N N 251 
RR2 H4     H  N N 252 
RR2 H5     H  N N 253 
RR2 H6     H  N N 254 
RR2 H7     H  N N 255 
RR2 H8     H  N N 256 
RR2 H9     H  N N 257 
RR2 H10    H  N N 258 
RR2 H11    H  N N 259 
RR2 H12    H  N N 260 
RR2 H13    H  N N 261 
RR2 H14    H  N N 262 
RR2 H15    H  N N 263 
RR2 H16    H  N N 264 
RR2 H17    H  N N 265 
RR2 H18    H  N N 266 
RR2 H19    H  N N 267 
RR2 H20    H  N N 268 
RR2 H21    H  N N 269 
RR2 H22    H  N N 270 
RR2 H23    H  N N 271 
RR2 H24    H  N N 272 
RR2 H25    H  N N 273 
RR2 H26    H  N N 274 
RR2 H27    H  N N 275 
RR2 H28    H  N N 276 
RR2 H29    H  N N 277 
RR2 H30    H  N N 278 
RR2 H31    H  N N 279 
RR2 H32    H  N N 280 
RR2 H33    H  N N 281 
RR2 H34    H  N N 282 
RR2 H35    H  N N 283 
RR2 H36    H  N N 284 
RR2 H37    H  N N 285 
RR2 H38    H  N N 286 
RR2 H39    H  N N 287 
RR2 H40    H  N N 288 
RR2 H41    H  N N 289 
RR2 H42    H  N N 290 
RR2 H43    H  N N 291 
RR2 H44    H  N N 292 
RR2 H45    H  N N 293 
RR2 H46    H  N N 294 
RR2 H47    H  N N 295 
RR2 H48    H  N N 296 
RR2 H49    H  N N 297 
RR2 H50    H  N N 298 
# 
loop_
_chem_comp_bond.comp_id 
_chem_comp_bond.atom_id_1 
_chem_comp_bond.atom_id_2 
_chem_comp_bond.value_order 
_chem_comp_bond.pdbx_aromatic_flag 
_chem_comp_bond.pdbx_stereo_config 
_chem_comp_bond.pdbx_ordinal 
DA  OP3   P      sing N N 1   
DA  OP3   HOP3   sing N N 2   
DA  P     OP1    doub N N 3   
DA  P     OP2    sing N N 4   
DA  P     "O5'"  sing N N 5   
DA  OP2   HOP2   sing N N 6   
DA  "O5'" "C5'"  sing N N 7   
DA  "C5'" "C4'"  sing N N 8   
DA  "C5'" "H5'"  sing N N 9   
DA  "C5'" "H5''" sing N N 10  
DA  "C4'" "O4'"  sing N N 11  
DA  "C4'" "C3'"  sing N N 12  
DA  "C4'" "H4'"  sing N N 13  
DA  "O4'" "C1'"  sing N N 14  
DA  "C3'" "O3'"  sing N N 15  
DA  "C3'" "C2'"  sing N N 16  
DA  "C3'" "H3'"  sing N N 17  
DA  "O3'" "HO3'" sing N N 18  
DA  "C2'" "C1'"  sing N N 19  
DA  "C2'" "H2'"  sing N N 20  
DA  "C2'" "H2''" sing N N 21  
DA  "C1'" N9     sing N N 22  
DA  "C1'" "H1'"  sing N N 23  
DA  N9    C8     sing Y N 24  
DA  N9    C4     sing Y N 25  
DA  C8    N7     doub Y N 26  
DA  C8    H8     sing N N 27  
DA  N7    C5     sing Y N 28  
DA  C5    C6     sing Y N 29  
DA  C5    C4     doub Y N 30  
DA  C6    N6     sing N N 31  
DA  C6    N1     doub Y N 32  
DA  N6    H61    sing N N 33  
DA  N6    H62    sing N N 34  
DA  N1    C2     sing Y N 35  
DA  C2    N3     doub Y N 36  
DA  C2    H2     sing N N 37  
DA  N3    C4     sing Y N 38  
DC  OP3   P      sing N N 39  
DC  OP3   HOP3   sing N N 40  
DC  P     OP1    doub N N 41  
DC  P     OP2    sing N N 42  
DC  P     "O5'"  sing N N 43  
DC  OP2   HOP2   sing N N 44  
DC  "O5'" "C5'"  sing N N 45  
DC  "C5'" "C4'"  sing N N 46  
DC  "C5'" "H5'"  sing N N 47  
DC  "C5'" "H5''" sing N N 48  
DC  "C4'" "O4'"  sing N N 49  
DC  "C4'" "C3'"  sing N N 50  
DC  "C4'" "H4'"  sing N N 51  
DC  "O4'" "C1'"  sing N N 52  
DC  "C3'" "O3'"  sing N N 53  
DC  "C3'" "C2'"  sing N N 54  
DC  "C3'" "H3'"  sing N N 55  
DC  "O3'" "HO3'" sing N N 56  
DC  "C2'" "C1'"  sing N N 57  
DC  "C2'" "H2'"  sing N N 58  
DC  "C2'" "H2''" sing N N 59  
DC  "C1'" N1     sing N N 60  
DC  "C1'" "H1'"  sing N N 61  
DC  N1    C2     sing N N 62  
DC  N1    C6     sing N N 63  
DC  C2    O2     doub N N 64  
DC  C2    N3     sing N N 65  
DC  N3    C4     doub N N 66  
DC  C4    N4     sing N N 67  
DC  C4    C5     sing N N 68  
DC  N4    H41    sing N N 69  
DC  N4    H42    sing N N 70  
DC  C5    C6     doub N N 71  
DC  C5    H5     sing N N 72  
DC  C6    H6     sing N N 73  
DG  OP3   P      sing N N 74  
DG  OP3   HOP3   sing N N 75  
DG  P     OP1    doub N N 76  
DG  P     OP2    sing N N 77  
DG  P     "O5'"  sing N N 78  
DG  OP2   HOP2   sing N N 79  
DG  "O5'" "C5'"  sing N N 80  
DG  "C5'" "C4'"  sing N N 81  
DG  "C5'" "H5'"  sing N N 82  
DG  "C5'" "H5''" sing N N 83  
DG  "C4'" "O4'"  sing N N 84  
DG  "C4'" "C3'"  sing N N 85  
DG  "C4'" "H4'"  sing N N 86  
DG  "O4'" "C1'"  sing N N 87  
DG  "C3'" "O3'"  sing N N 88  
DG  "C3'" "C2'"  sing N N 89  
DG  "C3'" "H3'"  sing N N 90  
DG  "O3'" "HO3'" sing N N 91  
DG  "C2'" "C1'"  sing N N 92  
DG  "C2'" "H2'"  sing N N 93  
DG  "C2'" "H2''" sing N N 94  
DG  "C1'" N9     sing N N 95  
DG  "C1'" "H1'"  sing N N 96  
DG  N9    C8     sing Y N 97  
DG  N9    C4     sing Y N 98  
DG  C8    N7     doub Y N 99  
DG  C8    H8     sing N N 100 
DG  N7    C5     sing Y N 101 
DG  C5    C6     sing N N 102 
DG  C5    C4     doub Y N 103 
DG  C6    O6     doub N N 104 
DG  C6    N1     sing N N 105 
DG  N1    C2     sing N N 106 
DG  N1    H1     sing N N 107 
DG  C2    N2     sing N N 108 
DG  C2    N3     doub N N 109 
DG  N2    H21    sing N N 110 
DG  N2    H22    sing N N 111 
DG  N3    C4     sing N N 112 
DT  OP3   P      sing N N 113 
DT  OP3   HOP3   sing N N 114 
DT  P     OP1    doub N N 115 
DT  P     OP2    sing N N 116 
DT  P     "O5'"  sing N N 117 
DT  OP2   HOP2   sing N N 118 
DT  "O5'" "C5'"  sing N N 119 
DT  "C5'" "C4'"  sing N N 120 
DT  "C5'" "H5'"  sing N N 121 
DT  "C5'" "H5''" sing N N 122 
DT  "C4'" "O4'"  sing N N 123 
DT  "C4'" "C3'"  sing N N 124 
DT  "C4'" "H4'"  sing N N 125 
DT  "O4'" "C1'"  sing N N 126 
DT  "C3'" "O3'"  sing N N 127 
DT  "C3'" "C2'"  sing N N 128 
DT  "C3'" "H3'"  sing N N 129 
DT  "O3'" "HO3'" sing N N 130 
DT  "C2'" "C1'"  sing N N 131 
DT  "C2'" "H2'"  sing N N 132 
DT  "C2'" "H2''" sing N N 133 
DT  "C1'" N1     sing N N 134 
DT  "C1'" "H1'"  sing N N 135 
DT  N1    C2     sing N N 136 
DT  N1    C6     sing N N 137 
DT  C2    O2     doub N N 138 
DT  C2    N3     sing N N 139 
DT  N3    C4     sing N N 140 
DT  N3    H3     sing N N 141 
DT  C4    O4     doub N N 142 
DT  C4    C5     sing N N 143 
DT  C5    C7     sing N N 144 
DT  C5    C6     doub N N 145 
DT  C7    H71    sing N N 146 
DT  C7    H72    sing N N 147 
DT  C7    H73    sing N N 148 
DT  C6    H6     sing N N 149 
HOH O     H1     sing N N 150 
HOH O     H2     sing N N 151 
RR2 CA1   NA1    doub Y N 152 
RR2 CA1   H1     sing N N 153 
RR2 CA2   CA1    sing Y N 154 
RR2 CA2   H2     sing N N 155 
RR2 CA3   CA2    doub Y N 156 
RR2 CA3   CA5    sing Y N 157 
RR2 CA3   H3     sing N N 158 
RR2 NA1   RU1    sing N N 159 
RR2 CA4   NA1    sing Y N 160 
RR2 CA4   CA8    doub Y N 161 
RR2 CA5   CA4    sing Y N 162 
RR2 CA6   CA5    doub Y N 163 
RR2 CA6   CA7    sing Y N 164 
RR2 CA6   H4     sing N N 165 
RR2 CA7   CA9    doub Y N 166 
RR2 CA7   H5     sing N N 167 
RR2 CA8   NA2    sing Y N 168 
RR2 NA2   CAB    doub Y N 169 
RR2 CA9   CA8    sing Y N 170 
RR2 CA9   CA0    sing Y N 171 
RR2 CA0   CAA    doub Y N 172 
RR2 CA0   H6     sing N N 173 
RR2 CAA   CAB    sing Y N 174 
RR2 CAA   H7     sing N N 175 
RR2 CAB   H8     sing N N 176 
RR2 CB1   NB1    doub Y N 177 
RR2 CB1   CB2    sing Y N 178 
RR2 CB1   H9     sing N N 179 
RR2 CB2   CB3    doub Y N 180 
RR2 CB2   H10    sing N N 181 
RR2 CB3   CB5    sing Y N 182 
RR2 CB3   H11    sing N N 183 
RR2 NB1   CB4    sing Y N 184 
RR2 CB4   CB8    doub Y N 185 
RR2 CB4   CB5    sing Y N 186 
RR2 CB5   CB6    doub Y N 187 
RR2 CB6   CB7    sing Y N 188 
RR2 CB6   H12    sing N N 189 
RR2 CB7   H13    sing N N 190 
RR2 CB8   CB9    sing Y N 191 
RR2 NB2   CBB    doub Y N 192 
RR2 NB2   CB8    sing Y N 193 
RR2 CB9   CB0    sing Y N 194 
RR2 CB9   CB7    doub Y N 195 
RR2 CB0   H14    sing N N 196 
RR2 CBA   CB0    doub Y N 197 
RR2 CBA   H15    sing N N 198 
RR2 CBB   CBA    sing Y N 199 
RR2 CBB   H16    sing N N 200 
RR2 CC1   NC1    doub Y N 201 
RR2 CC1   H17    sing N N 202 
RR2 CC2   CC3    doub Y N 203 
RR2 CC2   CC1    sing Y N 204 
RR2 CC2   H18    sing N N 205 
RR2 CC3   CC5    sing Y N 206 
RR2 CC3   H19    sing N N 207 
RR2 NC1   CC4    sing Y N 208 
RR2 NC1   RU2    sing N N 209 
RR2 CC4   CC8    doub Y N 210 
RR2 CC5   CC6    doub Y N 211 
RR2 CC5   CC4    sing Y N 212 
RR2 CC6   CC7    sing Y N 213 
RR2 CC6   H20    sing N N 214 
RR2 CC7   CC9    doub Y N 215 
RR2 CC7   H21    sing N N 216 
RR2 CC8   CC9    sing Y N 217 
RR2 CC8   NC2    sing Y N 218 
RR2 NC2   CCB    doub Y N 219 
RR2 CC9   CC0    sing Y N 220 
RR2 CC0   CCA    doub Y N 221 
RR2 CC0   H22    sing N N 222 
RR2 CCA   H23    sing N N 223 
RR2 CCB   CCA    sing Y N 224 
RR2 CCB   H24    sing N N 225 
RR2 CD1   ND1    doub Y N 226 
RR2 CD1   H25    sing N N 227 
RR2 CD2   CD1    sing Y N 228 
RR2 CD2   H26    sing N N 229 
RR2 CD3   CD2    doub Y N 230 
RR2 CD3   CD5    sing Y N 231 
RR2 CD3   H27    sing N N 232 
RR2 ND1   RU2    sing N N 233 
RR2 CD4   ND1    sing Y N 234 
RR2 CD4   CD8    doub Y N 235 
RR2 CD5   CD4    sing Y N 236 
RR2 CD6   CD5    doub Y N 237 
RR2 CD6   CD7    sing Y N 238 
RR2 CD6   H28    sing N N 239 
RR2 CD7   CD9    doub Y N 240 
RR2 CD7   H29    sing N N 241 
RR2 CD8   ND2    sing Y N 242 
RR2 ND2   CDB    doub Y N 243 
RR2 CD9   CD8    sing Y N 244 
RR2 CD9   CD0    sing Y N 245 
RR2 CD0   CDA    doub Y N 246 
RR2 CD0   H30    sing N N 247 
RR2 CDA   CDB    sing Y N 248 
RR2 CDA   H31    sing N N 249 
RR2 CDB   H32    sing N N 250 
RR2 RU1   NA2    sing N N 251 
RR2 RU1   NB1    sing N N 252 
RR2 RU1   NB2    sing N N 253 
RR2 RU2   ND2    sing N N 254 
RR2 RU2   N4     sing N N 255 
RR2 RU2   NC2    sing N N 256 
RR2 RU2   N5     sing N N 257 
RR2 C11   C31    sing N N 258 
RR2 C10   C11    sing Y N 259 
RR2 C10   H33    sing N N 260 
RR2 C12   C11    doub Y N 261 
RR2 C12   H34    sing N N 262 
RR2 C13   C12    sing Y N 263 
RR2 C13   H35    sing N N 264 
RR2 C9B   C13    doub Y N 265 
RR2 C9B   C9A    sing Y N 266 
RR2 C9A   C10    doub Y N 267 
RR2 N9    C9A    sing Y N 268 
RR2 N14   C9B    sing Y N 269 
RR2 C8C   N14    doub Y N 270 
RR2 C8C   C8B    sing Y N 271 
RR2 C8D   C8C    sing Y N 272 
RR2 C4A   C8D    sing Y N 273 
RR2 C4A   C4B    sing Y N 274 
RR2 N4    C4A    doub Y N 275 
RR2 C3    C2     doub Y N 276 
RR2 C3    N4     sing Y N 277 
RR2 C3    H36    sing N N 278 
RR2 C2    C1     sing Y N 279 
RR2 C2    H37    sing N N 280 
RR2 C1    C8D    doub Y N 281 
RR2 C1    H38    sing N N 282 
RR2 C8B   N9     doub Y N 283 
RR2 C8A   C8B    sing Y N 284 
RR2 C8A   C8     doub Y N 285 
RR2 C4B   C8A    sing Y N 286 
RR2 C8    H39    sing N N 287 
RR2 C7    C8     sing Y N 288 
RR2 C7    H40    sing N N 289 
RR2 C6    C7     doub Y N 290 
RR2 C6    H41    sing N N 291 
RR2 N5    C4B    doub Y N 292 
RR2 N5    C6     sing Y N 293 
RR2 C31   C32    doub Y N 294 
RR2 C31   C30    sing Y N 295 
RR2 C30   C9C    doub Y N 296 
RR2 C30   H42    sing N N 297 
RR2 C32   C33    sing Y N 298 
RR2 C32   H43    sing N N 299 
RR2 C33   C9D    doub Y N 300 
RR2 C33   H44    sing N N 301 
RR2 C9D   N      sing Y N 302 
RR2 C9C   C9D    sing Y N 303 
RR2 C9C   N29    sing Y N 304 
RR2 N29   C8F    doub Y N 305 
RR2 N     C8G    doub Y N 306 
RR2 C8G   C8H    sing Y N 307 
RR2 C8H   C21    doub Y N 308 
RR2 C8H   C4C    sing Y N 309 
RR2 C4C   N24    doub Y N 310 
RR2 N24   C23    sing Y N 311 
RR2 N24   RU1    sing N N 312 
RR2 C23   H45    sing N N 313 
RR2 C22   C23    doub Y N 314 
RR2 C22   H46    sing N N 315 
RR2 C21   C22    sing Y N 316 
RR2 C21   H47    sing N N 317 
RR2 C8F   C8G    sing Y N 318 
RR2 C8F   C8E    sing Y N 319 
RR2 C8E   C4D    sing Y N 320 
RR2 C4D   C4C    sing Y N 321 
RR2 C4D   N25    doub Y N 322 
RR2 C28   C8E    doub Y N 323 
RR2 C28   C27    sing Y N 324 
RR2 C28   H48    sing N N 325 
RR2 C27   C26    doub Y N 326 
RR2 C26   N25    sing Y N 327 
RR2 N25   RU1    sing N N 328 
RR2 C27   H49    sing N N 329 
RR2 C26   H50    sing N N 330 
# 
loop_
_ndb_struct_conf_na.entry_id 
_ndb_struct_conf_na.feature 
4GQJ 'double helix'         
4GQJ 'mismatched base pair' 
# 
loop_
_ndb_struct_na_base_pair.model_number 
_ndb_struct_na_base_pair.i_label_asym_id 
_ndb_struct_na_base_pair.i_label_comp_id 
_ndb_struct_na_base_pair.i_label_seq_id 
_ndb_struct_na_base_pair.i_symmetry 
_ndb_struct_na_base_pair.j_label_asym_id 
_ndb_struct_na_base_pair.j_label_comp_id 
_ndb_struct_na_base_pair.j_label_seq_id 
_ndb_struct_na_base_pair.j_symmetry 
_ndb_struct_na_base_pair.shear 
_ndb_struct_na_base_pair.stretch 
_ndb_struct_na_base_pair.stagger 
_ndb_struct_na_base_pair.buckle 
_ndb_struct_na_base_pair.propeller 
_ndb_struct_na_base_pair.opening 
_ndb_struct_na_base_pair.pair_number 
_ndb_struct_na_base_pair.pair_name 
_ndb_struct_na_base_pair.i_auth_asym_id 
_ndb_struct_na_base_pair.i_auth_seq_id 
_ndb_struct_na_base_pair.i_PDB_ins_code 
_ndb_struct_na_base_pair.j_auth_asym_id 
_ndb_struct_na_base_pair.j_auth_seq_id 
_ndb_struct_na_base_pair.j_PDB_ins_code 
_ndb_struct_na_base_pair.hbond_type_28 
_ndb_struct_na_base_pair.hbond_type_12 
1 A DG 2 1_555 B DC 5 1_555 0.133  0.052  -0.676 -16.754 16.736 1.718  1 A_DG2:DC5_B A 2 ? B 5 ? 19 1 
1 A DT 3 1_555 B DA 4 1_555 -0.018 -0.031 -0.226 7.213   8.564  2.185  2 A_DT3:DA4_B A 3 ? B 4 ? 20 1 
1 A DC 5 1_555 B DG 2 1_555 -0.010 -0.137 -0.237 0.161   20.340 -0.325 3 A_DC5:DG2_B A 5 ? B 2 ? 19 1 
1 A DG 6 1_555 B DC 1 1_555 0.196  0.100  0.442  33.760  7.144  -0.517 4 A_DG6:DC1_B A 6 ? B 1 ? 19 1 
# 
loop_
_ndb_struct_na_base_pair_step.model_number 
_ndb_struct_na_base_pair_step.i_label_asym_id_1 
_ndb_struct_na_base_pair_step.i_label_comp_id_1 
_ndb_struct_na_base_pair_step.i_label_seq_id_1 
_ndb_struct_na_base_pair_step.i_symmetry_1 
_ndb_struct_na_base_pair_step.j_label_asym_id_1 
_ndb_struct_na_base_pair_step.j_label_comp_id_1 
_ndb_struct_na_base_pair_step.j_label_seq_id_1 
_ndb_struct_na_base_pair_step.j_symmetry_1 
_ndb_struct_na_base_pair_step.i_label_asym_id_2 
_ndb_struct_na_base_pair_step.i_label_comp_id_2 
_ndb_struct_na_base_pair_step.i_label_seq_id_2 
_ndb_struct_na_base_pair_step.i_symmetry_2 
_ndb_struct_na_base_pair_step.j_label_asym_id_2 
_ndb_struct_na_base_pair_step.j_label_comp_id_2 
_ndb_struct_na_base_pair_step.j_label_seq_id_2 
_ndb_struct_na_base_pair_step.j_symmetry_2 
_ndb_struct_na_base_pair_step.shift 
_ndb_struct_na_base_pair_step.slide 
_ndb_struct_na_base_pair_step.rise 
_ndb_struct_na_base_pair_step.tilt 
_ndb_struct_na_base_pair_step.roll 
_ndb_struct_na_base_pair_step.twist 
_ndb_struct_na_base_pair_step.x_displacement 
_ndb_struct_na_base_pair_step.y_displacement 
_ndb_struct_na_base_pair_step.helical_rise 
_ndb_struct_na_base_pair_step.inclination 
_ndb_struct_na_base_pair_step.tip 
_ndb_struct_na_base_pair_step.helical_twist 
_ndb_struct_na_base_pair_step.step_number 
_ndb_struct_na_base_pair_step.step_name 
_ndb_struct_na_base_pair_step.i_auth_asym_id_1 
_ndb_struct_na_base_pair_step.i_auth_seq_id_1 
_ndb_struct_na_base_pair_step.i_PDB_ins_code_1 
_ndb_struct_na_base_pair_step.j_auth_asym_id_1 
_ndb_struct_na_base_pair_step.j_auth_seq_id_1 
_ndb_struct_na_base_pair_step.j_PDB_ins_code_1 
_ndb_struct_na_base_pair_step.i_auth_asym_id_2 
_ndb_struct_na_base_pair_step.i_auth_seq_id_2 
_ndb_struct_na_base_pair_step.i_PDB_ins_code_2 
_ndb_struct_na_base_pair_step.j_auth_asym_id_2 
_ndb_struct_na_base_pair_step.j_auth_seq_id_2 
_ndb_struct_na_base_pair_step.j_PDB_ins_code_2 
1 A DG 2 1_555 B DC 5 1_555 A DT 3 1_555 B DA 4 1_555 -0.411 -0.046 2.793 -2.856 4.808  21.452 -1.688 0.138  2.747 12.642 7.510 
22.160 1 AA_DG2DT3:DA4DC5_BB A 2 ? B 5 ? A 3 ? B 4 ? 
1 A DT 3 1_555 B DA 4 1_555 A DC 5 1_555 B DG 2 1_555 -0.247 2.501  6.754 -9.058 4.825  59.989 1.983  -0.673 6.888 4.788  8.988 
60.780 2 AA_DT3DC5:DG2DA4_BB A 3 ? B 4 ? A 5 ? B 2 ? 
1 A DC 5 1_555 B DG 2 1_555 A DG 6 1_555 B DC 1 1_555 -0.462 0.722  2.806 -3.737 -4.751 32.528 1.952  0.274  2.712 -8.391 6.600 
33.070 3 AA_DC5DG6:DC1DG2_BB A 5 ? B 2 ? A 6 ? B 1 ? 
# 
_atom_sites.entry_id                    4GQJ 
_atom_sites.fract_transf_matrix[1][1]   0.00194418 
_atom_sites.fract_transf_matrix[1][2]   0.00869436 
_atom_sites.fract_transf_matrix[1][3]   0.00759334 
_atom_sites.fract_transf_matrix[2][1]   0.01017497 
_atom_sites.fract_transf_matrix[2][2]   0.00234591 
_atom_sites.fract_transf_matrix[2][3]   -0.00529123 
_atom_sites.fract_transf_matrix[3][1]   -0.00545166 
_atom_sites.fract_transf_matrix[3][2]   0.00747899 
_atom_sites.fract_transf_matrix[3][3]   -0.00716760 
_atom_sites.fract_transf_vector[1]      0.059286 
_atom_sites.fract_transf_vector[2]      -0.675465 
_atom_sites.fract_transf_vector[3]      0.039963 
# 
loop_
_atom_type.symbol 
C  
N  
O  
P  
RU 
# 
loop_
_atom_site.group_PDB 
_atom_site.id 
_atom_site.type_symbol 
_atom_site.label_atom_id 
_atom_site.label_alt_id 
_atom_site.label_comp_id 
_atom_site.label_asym_id 
_atom_site.label_entity_id 
_atom_site.label_seq_id 
_atom_site.pdbx_PDB_ins_code 
_atom_site.Cartn_x 
_atom_site.Cartn_y 
_atom_site.Cartn_z 
_atom_site.occupancy 
_atom_site.B_iso_or_equiv 
_atom_site.pdbx_formal_charge 
_atom_site.auth_seq_id 
_atom_site.auth_comp_id 
_atom_site.auth_asym_id 
_atom_site.auth_atom_id 
_atom_site.pdbx_PDB_model_num 
ATOM   1   O  "O5'" . DC  A 1 1 ? 8.089   -10.864 -8.969  1.00 60.70 ? 1   DC  A "O5'" 1 
ATOM   2   C  "C5'" . DC  A 1 1 ? 6.867   -10.506 -9.638  1.00 46.04 ? 1   DC  A "C5'" 1 
ATOM   3   C  "C4'" . DC  A 1 1 ? 5.970   -9.883  -8.600  1.00 43.57 ? 1   DC  A "C4'" 1 
ATOM   4   O  "O4'" . DC  A 1 1 ? 5.971   -10.738 -7.426  1.00 48.59 ? 1   DC  A "O4'" 1 
ATOM   5   C  "C3'" . DC  A 1 1 ? 6.494   -8.554  -8.093  1.00 54.19 ? 1   DC  A "C3'" 1 
ATOM   6   O  "O3'" . DC  A 1 1 ? 5.402   -7.788  -7.675  1.00 31.50 ? 1   DC  A "O3'" 1 
ATOM   7   C  "C2'" . DC  A 1 1 ? 7.391   -8.949  -6.925  1.00 44.44 ? 1   DC  A "C2'" 1 
ATOM   8   C  "C1'" . DC  A 1 1 ? 6.568   -10.078 -6.330  1.00 34.64 ? 1   DC  A "C1'" 1 
ATOM   9   N  N1    . DC  A 1 1 ? 7.390   -11.056 -5.610  1.00 43.66 ? 1   DC  A N1    1 
ATOM   10  C  C2    . DC  A 1 1 ? 7.458   -10.994 -4.216  1.00 50.97 ? 1   DC  A C2    1 
ATOM   11  O  O2    . DC  A 1 1 ? 6.821   -10.119 -3.610  1.00 49.63 ? 1   DC  A O2    1 
ATOM   12  N  N3    . DC  A 1 1 ? 8.225   -11.903 -3.564  1.00 58.94 ? 1   DC  A N3    1 
ATOM   13  C  C4    . DC  A 1 1 ? 8.895   -12.832 -4.252  1.00 59.51 ? 1   DC  A C4    1 
ATOM   14  N  N4    . DC  A 1 1 ? 9.633   -13.706 -3.553  1.00 66.10 ? 1   DC  A N4    1 
ATOM   15  C  C5    . DC  A 1 1 ? 8.836   -12.906 -5.678  1.00 45.89 ? 1   DC  A C5    1 
ATOM   16  C  C6    . DC  A 1 1 ? 8.078   -12.003 -6.312  1.00 46.85 ? 1   DC  A C6    1 
ATOM   17  P  P     . DG  A 1 2 ? 4.947   -6.516  -8.531  1.00 48.93 ? 2   DG  A P     1 
ATOM   18  O  OP1   . DG  A 1 2 ? 4.527   -6.997  -9.873  1.00 39.43 ? 2   DG  A OP1   1 
ATOM   19  O  OP2   . DG  A 1 2 ? 6.003   -5.479  -8.394  1.00 40.56 ? 2   DG  A OP2   1 
ATOM   20  O  "O5'" . DG  A 1 2 ? 3.625   -6.032  -7.788  1.00 43.10 ? 2   DG  A "O5'" 1 
ATOM   21  C  "C5'" . DG  A 1 2 ? 2.582   -6.980  -7.663  1.00 42.24 ? 2   DG  A "C5'" 1 
ATOM   22  C  "C4'" . DG  A 1 2 ? 1.452   -6.377  -6.867  1.00 38.61 ? 2   DG  A "C4'" 1 
ATOM   23  O  "O4'" . DG  A 1 2 ? 1.951   -6.040  -5.552  1.00 41.22 ? 2   DG  A "O4'" 1 
ATOM   24  C  "C3'" . DG  A 1 2 ? 0.900   -5.088  -7.451  1.00 35.77 ? 2   DG  A "C3'" 1 
ATOM   25  O  "O3'" . DG  A 1 2 ? -0.489  -5.071  -7.196  1.00 36.15 ? 2   DG  A "O3'" 1 
ATOM   26  C  "C2'" . DG  A 1 2 ? 1.673   -4.007  -6.697  1.00 34.27 ? 2   DG  A "C2'" 1 
ATOM   27  C  "C1'" . DG  A 1 2 ? 1.846   -4.652  -5.325  1.00 33.57 ? 2   DG  A "C1'" 1 
ATOM   28  N  N9    . DG  A 1 2 ? 3.023   -4.227  -4.560  1.00 34.13 ? 2   DG  A N9    1 
ATOM   29  C  C8    . DG  A 1 2 ? 4.223   -3.739  -5.024  1.00 33.56 ? 2   DG  A C8    1 
ATOM   30  N  N7    . DG  A 1 2 ? 5.079   -3.454  -4.073  1.00 29.58 ? 2   DG  A N7    1 
ATOM   31  C  C5    . DG  A 1 2 ? 4.402   -3.778  -2.900  1.00 29.58 ? 2   DG  A C5    1 
ATOM   32  C  C6    . DG  A 1 2 ? 4.808   -3.685  -1.546  1.00 34.88 ? 2   DG  A C6    1 
ATOM   33  O  O6    . DG  A 1 2 ? 5.893   -3.276  -1.101  1.00 38.62 ? 2   DG  A O6    1 
ATOM   34  N  N1    . DG  A 1 2 ? 3.812   -4.128  -0.673  1.00 32.44 ? 2   DG  A N1    1 
ATOM   35  C  C2    . DG  A 1 2 ? 2.574   -4.591  -1.062  1.00 32.62 ? 2   DG  A C2    1 
ATOM   36  N  N2    . DG  A 1 2 ? 1.726   -4.972  -0.092  1.00 33.31 ? 2   DG  A N2    1 
ATOM   37  N  N3    . DG  A 1 2 ? 2.184   -4.671  -2.323  1.00 31.52 ? 2   DG  A N3    1 
ATOM   38  C  C4    . DG  A 1 2 ? 3.141   -4.254  -3.185  1.00 33.91 ? 2   DG  A C4    1 
ATOM   39  P  P     . DT  A 1 3 ? -1.416  -3.930  -7.840  1.00 65.06 ? 3   DT  A P     1 
ATOM   40  O  OP1   . DT  A 1 3 ? -2.439  -4.604  -8.678  1.00 33.92 ? 3   DT  A OP1   1 
ATOM   41  O  OP2   . DT  A 1 3 ? -0.529  -2.840  -8.343  1.00 32.59 ? 3   DT  A OP2   1 
ATOM   42  O  "O5'" . DT  A 1 3 ? -2.191  -3.336  -6.584  1.00 52.01 ? 3   DT  A "O5'" 1 
ATOM   43  C  "C5'" . DT  A 1 3 ? -3.038  -4.228  -5.879  1.00 41.81 ? 3   DT  A "C5'" 1 
ATOM   44  C  "C4'" . DT  A 1 3 ? -3.105  -3.770  -4.445  1.00 24.55 ? 3   DT  A "C4'" 1 
ATOM   45  O  "O4'" . DT  A 1 3 ? -1.753  -3.604  -3.957  1.00 30.83 ? 3   DT  A "O4'" 1 
ATOM   46  C  "C3'" . DT  A 1 3 ? -3.742  -2.403  -4.338  1.00 25.32 ? 3   DT  A "C3'" 1 
ATOM   47  O  "O3'" . DT  A 1 3 ? -4.737  -2.439  -3.337  1.00 30.96 ? 3   DT  A "O3'" 1 
ATOM   48  C  "C2'" . DT  A 1 3 ? -2.573  -1.494  -3.971  1.00 23.31 ? 3   DT  A "C2'" 1 
ATOM   49  C  "C1'" . DT  A 1 3 ? -1.740  -2.455  -3.156  1.00 20.59 ? 3   DT  A "C1'" 1 
ATOM   50  N  N1    . DT  A 1 3 ? -0.342  -2.007  -2.896  1.00 30.07 ? 3   DT  A N1    1 
ATOM   51  C  C2    . DT  A 1 3 ? 0.128   -2.056  -1.601  1.00 37.70 ? 3   DT  A C2    1 
ATOM   52  O  O2    . DT  A 1 3 ? -0.535  -2.454  -0.663  1.00 43.28 ? 3   DT  A O2    1 
ATOM   53  N  N3    . DT  A 1 3 ? 1.410   -1.622  -1.424  1.00 32.58 ? 3   DT  A N3    1 
ATOM   54  C  C4    . DT  A 1 3 ? 2.262   -1.146  -2.392  1.00 33.50 ? 3   DT  A C4    1 
ATOM   55  O  O4    . DT  A 1 3 ? 3.405   -0.779  -2.127  1.00 30.88 ? 3   DT  A O4    1 
ATOM   56  C  C5    . DT  A 1 3 ? 1.714   -1.115  -3.723  1.00 34.25 ? 3   DT  A C5    1 
ATOM   57  C  C7    . DT  A 1 3 ? 2.566   -0.617  -4.853  1.00 16.84 ? 3   DT  A C7    1 
ATOM   58  C  C6    . DT  A 1 3 ? 0.454   -1.538  -3.915  1.00 38.80 ? 3   DT  A C6    1 
ATOM   59  P  P     . DA  A 1 4 ? -6.248  -2.828  -3.714  1.00 30.53 ? 4   DA  A P     1 
ATOM   60  O  OP1   . DA  A 1 4 ? -6.202  -3.892  -4.735  1.00 39.11 ? 4   DA  A OP1   1 
ATOM   61  O  OP2   . DA  A 1 4 ? -6.994  -1.578  -4.019  1.00 27.60 ? 4   DA  A OP2   1 
ATOM   62  O  "O5'" . DA  A 1 4 ? -6.804  -3.440  -2.360  1.00 29.20 ? 4   DA  A "O5'" 1 
ATOM   63  C  "C5'" . DA  A 1 4 ? -6.100  -4.485  -1.709  1.00 29.14 ? 4   DA  A "C5'" 1 
ATOM   64  C  "C4'" . DA  A 1 4 ? -7.097  -5.216  -0.824  1.00 37.96 ? 4   DA  A "C4'" 1 
ATOM   65  O  "O4'" . DA  A 1 4 ? -6.574  -6.507  -0.434  1.00 35.59 ? 4   DA  A "O4'" 1 
ATOM   66  C  "C3'" . DA  A 1 4 ? -7.480  -4.508  0.464   1.00 32.24 ? 4   DA  A "C3'" 1 
ATOM   67  O  "O3'" . DA  A 1 4 ? -8.874  -4.704  0.699   1.00 25.76 ? 4   DA  A "O3'" 1 
ATOM   68  C  "C2'" . DA  A 1 4 ? -6.591  -5.197  1.502   1.00 34.15 ? 4   DA  A "C2'" 1 
ATOM   69  C  "C1'" . DA  A 1 4 ? -6.455  -6.618  0.960   1.00 33.08 ? 4   DA  A "C1'" 1 
ATOM   70  N  N9    . DA  A 1 4 ? -5.145  -7.224  1.123   1.00 37.27 ? 4   DA  A N9    1 
ATOM   71  C  C8    . DA  A 1 4 ? -4.838  -8.501  1.499   1.00 44.07 ? 4   DA  A C8    1 
ATOM   72  N  N7    . DA  A 1 4 ? -3.545  -8.751  1.527   1.00 35.50 ? 4   DA  A N7    1 
ATOM   73  C  C5    . DA  A 1 4 ? -2.965  -7.553  1.143   1.00 35.47 ? 4   DA  A C5    1 
ATOM   74  C  C6    . DA  A 1 4 ? -1.620  -7.145  0.977   1.00 43.08 ? 4   DA  A C6    1 
ATOM   75  N  N6    . DA  A 1 4 ? -0.554  -7.934  1.183   1.00 43.58 ? 4   DA  A N6    1 
ATOM   76  N  N1    . DA  A 1 4 ? -1.400  -5.878  0.581   1.00 30.78 ? 4   DA  A N1    1 
ATOM   77  C  C2    . DA  A 1 4 ? -2.464  -5.088  0.371   1.00 43.36 ? 4   DA  A C2    1 
ATOM   78  N  N3    . DA  A 1 4 ? -3.769  -5.349  0.489   1.00 35.03 ? 4   DA  A N3    1 
ATOM   79  C  C4    . DA  A 1 4 ? -3.945  -6.612  0.884   1.00 35.38 ? 4   DA  A C4    1 
ATOM   80  P  P     . DC  A 1 5 ? -9.914  -3.489  0.498   1.00 46.60 ? 5   DC  A P     1 
ATOM   81  O  OP1   . DC  A 1 5 ? -11.038 -3.692  1.439   1.00 49.38 ? 5   DC  A OP1   1 
ATOM   82  O  OP2   . DC  A 1 5 ? -10.184 -3.341  -0.952  1.00 42.59 ? 5   DC  A OP2   1 
ATOM   83  O  "O5'" . DC  A 1 5 ? -9.078  -2.202  0.939   1.00 40.46 ? 5   DC  A "O5'" 1 
ATOM   84  C  "C5'" . DC  A 1 5 ? -8.691  -1.966  2.291   1.00 37.93 ? 5   DC  A "C5'" 1 
ATOM   85  C  "C4'" . DC  A 1 5 ? -8.472  -0.477  2.520   1.00 29.80 ? 5   DC  A "C4'" 1 
ATOM   86  O  "O4'" . DC  A 1 5 ? -7.218  -0.040  1.928   1.00 27.11 ? 5   DC  A "O4'" 1 
ATOM   87  C  "C3'" . DC  A 1 5 ? -9.536  0.426   1.903   1.00 40.74 ? 5   DC  A "C3'" 1 
ATOM   88  O  "O3'" . DC  A 1 5 ? -9.774  1.518   2.757   1.00 51.64 ? 5   DC  A "O3'" 1 
ATOM   89  C  "C2'" . DC  A 1 5 ? -8.836  0.932   0.652   1.00 42.78 ? 5   DC  A "C2'" 1 
ATOM   90  C  "C1'" . DC  A 1 5 ? -7.478  1.185   1.285   1.00 26.07 ? 5   DC  A "C1'" 1 
ATOM   91  N  N1    . DC  A 1 5 ? -6.427  1.494   0.295   1.00 25.28 ? 5   DC  A N1    1 
ATOM   92  C  C2    . DC  A 1 5 ? -5.284  2.205   0.669   1.00 34.73 ? 5   DC  A C2    1 
ATOM   93  O  O2    . DC  A 1 5 ? -5.132  2.573   1.841   1.00 38.18 ? 5   DC  A O2    1 
ATOM   94  N  N3    . DC  A 1 5 ? -4.360  2.476   -0.276  1.00 36.20 ? 5   DC  A N3    1 
ATOM   95  C  C4    . DC  A 1 5 ? -4.545  2.075   -1.531  1.00 28.07 ? 5   DC  A C4    1 
ATOM   96  N  N4    . DC  A 1 5 ? -3.595  2.367   -2.427  1.00 31.03 ? 5   DC  A N4    1 
ATOM   97  C  C5    . DC  A 1 5 ? -5.707  1.358   -1.926  1.00 28.59 ? 5   DC  A C5    1 
ATOM   98  C  C6    . DC  A 1 5 ? -6.615  1.095   -0.991  1.00 31.66 ? 5   DC  A C6    1 
ATOM   99  P  P     . DG  A 1 6 ? -11.162 1.636   3.551   1.00 53.97 ? 6   DG  A P     1 
ATOM   100 O  OP1   . DG  A 1 6 ? -11.455 0.305   4.136   1.00 35.57 ? 6   DG  A OP1   1 
ATOM   101 O  OP2   . DG  A 1 6 ? -12.144 2.315   2.662   1.00 24.32 ? 6   DG  A OP2   1 
ATOM   102 O  "O5'" . DG  A 1 6 ? -10.812 2.627   4.752   1.00 37.39 ? 6   DG  A "O5'" 1 
ATOM   103 C  "C5'" . DG  A 1 6 ? -9.787  2.274   5.690   1.00 32.55 ? 6   DG  A "C5'" 1 
ATOM   104 C  "C4'" . DG  A 1 6 ? -9.077  3.518   6.212   1.00 34.26 ? 6   DG  A "C4'" 1 
ATOM   105 O  "O4'" . DG  A 1 6 ? -8.037  3.918   5.285   1.00 40.81 ? 6   DG  A "O4'" 1 
ATOM   106 C  "C3'" . DG  A 1 6 ? -9.951  4.757   6.339   1.00 40.47 ? 6   DG  A "C3'" 1 
ATOM   107 O  "O3'" . DG  A 1 6 ? -9.392  5.624   7.308   1.00 39.40 ? 6   DG  A "O3'" 1 
ATOM   108 C  "C2'" . DG  A 1 6 ? -9.876  5.356   4.937   1.00 31.91 ? 6   DG  A "C2'" 1 
ATOM   109 C  "C1'" . DG  A 1 6 ? -8.400  5.131   4.649   1.00 39.01 ? 6   DG  A "C1'" 1 
ATOM   110 N  N9    . DG  A 1 6 ? -8.095  5.045   3.228   1.00 39.99 ? 6   DG  A N9    1 
ATOM   111 C  C8    . DG  A 1 6 ? -8.929  4.633   2.216   1.00 46.83 ? 6   DG  A C8    1 
ATOM   112 N  N7    . DG  A 1 6 ? -8.359  4.674   1.041   1.00 47.19 ? 6   DG  A N7    1 
ATOM   113 C  C5    . DG  A 1 6 ? -7.072  5.144   1.292   1.00 36.34 ? 6   DG  A C5    1 
ATOM   114 C  C6    . DG  A 1 6 ? -5.992  5.403   0.411   1.00 38.50 ? 6   DG  A C6    1 
ATOM   115 O  O6    . DG  A 1 6 ? -5.946  5.261   -0.821  1.00 42.28 ? 6   DG  A O6    1 
ATOM   116 N  N1    . DG  A 1 6 ? -4.875  5.873   1.091   1.00 34.85 ? 6   DG  A N1    1 
ATOM   117 C  C2    . DG  A 1 6 ? -4.800  6.071   2.449   1.00 38.82 ? 6   DG  A C2    1 
ATOM   118 N  N2    . DG  A 1 6 ? -3.631  6.537   2.929   1.00 34.45 ? 6   DG  A N2    1 
ATOM   119 N  N3    . DG  A 1 6 ? -5.805  5.831   3.279   1.00 33.77 ? 6   DG  A N3    1 
ATOM   120 C  C4    . DG  A 1 6 ? -6.900  5.374   2.634   1.00 30.90 ? 6   DG  A C4    1 
ATOM   121 O  "O5'" . DC  B 1 1 ? 1.182   12.457  -2.621  1.00 45.49 ? 1   DC  B "O5'" 1 
ATOM   122 C  "C5'" . DC  B 1 1 ? 0.120   12.162  -1.718  1.00 32.25 ? 1   DC  B "C5'" 1 
ATOM   123 C  "C4'" . DC  B 1 1 ? 0.554   12.042  -0.263  1.00 28.93 ? 1   DC  B "C4'" 1 
ATOM   124 O  "O4'" . DC  B 1 1 ? -0.488  11.255  0.348   1.00 41.13 ? 1   DC  B "O4'" 1 
ATOM   125 C  "C3'" . DC  B 1 1 ? 1.806   11.242  0.110   1.00 30.13 ? 1   DC  B "C3'" 1 
ATOM   126 O  "O3'" . DC  B 1 1 ? 2.088   11.363  1.520   1.00 26.81 ? 1   DC  B "O3'" 1 
ATOM   127 C  "C2'" . DC  B 1 1 ? 1.333   9.826   -0.168  1.00 31.40 ? 1   DC  B "C2'" 1 
ATOM   128 C  "C1'" . DC  B 1 1 ? -0.069  9.901   0.420   1.00 32.82 ? 1   DC  B "C1'" 1 
ATOM   129 N  N1    . DC  B 1 1 ? -1.072  9.085   -0.296  1.00 25.15 ? 1   DC  B N1    1 
ATOM   130 C  C2    . DC  B 1 1 ? -1.768  8.097   0.407   1.00 35.81 ? 1   DC  B C2    1 
ATOM   131 O  O2    . DC  B 1 1 ? -1.526  7.932   1.612   1.00 46.19 ? 1   DC  B O2    1 
ATOM   132 N  N3    . DC  B 1 1 ? -2.691  7.353   -0.250  1.00 38.63 ? 1   DC  B N3    1 
ATOM   133 C  C4    . DC  B 1 1 ? -2.925  7.564   -1.545  1.00 31.80 ? 1   DC  B C4    1 
ATOM   134 N  N4    . DC  B 1 1 ? -3.842  6.801   -2.140  1.00 28.48 ? 1   DC  B N4    1 
ATOM   135 C  C5    . DC  B 1 1 ? -2.225  8.567   -2.280  1.00 35.75 ? 1   DC  B C5    1 
ATOM   136 C  C6    . DC  B 1 1 ? -1.319  9.302   -1.619  1.00 33.34 ? 1   DC  B C6    1 
ATOM   137 P  P     . DG  B 1 2 ? 3.487   10.834  2.124   1.00 49.57 ? 2   DG  B P     1 
ATOM   138 O  OP1   . DG  B 1 2 ? 3.812   11.659  3.305   1.00 37.85 ? 2   DG  B OP1   1 
ATOM   139 O  OP2   . DG  B 1 2 ? 4.447   10.667  1.006   1.00 40.03 ? 2   DG  B OP2   1 
ATOM   140 O  "O5'" . DG  B 1 2 ? 3.139   9.379   2.657   1.00 39.99 ? 2   DG  B "O5'" 1 
ATOM   141 C  "C5'" . DG  B 1 2 ? 2.412   9.227   3.839   1.00 36.40 ? 2   DG  B "C5'" 1 
ATOM   142 C  "C4'" . DG  B 1 2 ? 2.423   7.751   4.153   1.00 43.76 ? 2   DG  B "C4'" 1 
ATOM   143 O  "O4'" . DG  B 1 2 ? 1.448   7.060   3.334   1.00 46.87 ? 2   DG  B "O4'" 1 
ATOM   144 C  "C3'" . DG  B 1 2 ? 3.751   7.069   3.860   1.00 41.58 ? 2   DG  B "C3'" 1 
ATOM   145 O  "O3'" . DG  B 1 2 ? 3.932   6.064   4.811   1.00 50.52 ? 2   DG  B "O3'" 1 
ATOM   146 C  "C2'" . DG  B 1 2 ? 3.510   6.413   2.511   1.00 39.42 ? 2   DG  B "C2'" 1 
ATOM   147 C  "C1'" . DG  B 1 2 ? 2.074   5.959   2.704   1.00 35.63 ? 2   DG  B "C1'" 1 
ATOM   148 N  N9    . DG  B 1 2 ? 1.380   5.741   1.449   1.00 36.31 ? 2   DG  B N9    1 
ATOM   149 C  C8    . DG  B 1 2 ? 1.765   6.193   0.215   1.00 37.57 ? 2   DG  B C8    1 
ATOM   150 N  N7    . DG  B 1 2 ? 0.946   5.858   -0.738  1.00 34.54 ? 2   DG  B N7    1 
ATOM   151 C  C5    . DG  B 1 2 ? -0.052  5.149   -0.090  1.00 30.37 ? 2   DG  B C5    1 
ATOM   152 C  C6    . DG  B 1 2 ? -1.211  4.538   -0.615  1.00 39.54 ? 2   DG  B C6    1 
ATOM   153 O  O6    . DG  B 1 2 ? -1.598  4.510   -1.793  1.00 41.16 ? 2   DG  B O6    1 
ATOM   154 N  N1    . DG  B 1 2 ? -1.958  3.916   0.381   1.00 43.70 ? 2   DG  B N1    1 
ATOM   155 C  C2    . DG  B 1 2 ? -1.627  3.889   1.714   1.00 42.72 ? 2   DG  B C2    1 
ATOM   156 N  N2    . DG  B 1 2 ? -2.483  3.239   2.518   1.00 40.30 ? 2   DG  B N2    1 
ATOM   157 N  N3    . DG  B 1 2 ? -0.537  4.461   2.218   1.00 41.05 ? 2   DG  B N3    1 
ATOM   158 C  C4    . DG  B 1 2 ? 0.199   5.068   1.258   1.00 36.10 ? 2   DG  B C4    1 
ATOM   159 P  P     . DT  B 1 3 ? 5.350   5.883   5.527   1.00 63.11 ? 3   DT  B P     1 
ATOM   160 O  OP1   . DT  B 1 3 ? 6.059   7.182   5.469   1.00 53.45 ? 3   DT  B OP1   1 
ATOM   161 O  OP2   . DT  B 1 3 ? 5.986   4.657   4.981   1.00 47.74 ? 3   DT  B OP2   1 
ATOM   162 O  "O5'" . DT  B 1 3 ? 4.952   5.592   7.040   1.00 42.45 ? 3   DT  B "O5'" 1 
ATOM   163 C  "C5'" . DT  B 1 3 ? 5.827   4.793   7.801   1.00 53.74 ? 3   DT  B "C5'" 1 
ATOM   164 C  "C4'" . DT  B 1 3 ? 5.136   4.374   9.080   1.00 59.41 ? 3   DT  B "C4'" 1 
ATOM   165 O  "O4'" . DT  B 1 3 ? 4.638   5.551   9.760   1.00 71.87 ? 3   DT  B "O4'" 1 
ATOM   166 C  "C3'" . DT  B 1 3 ? 3.940   3.449   8.881   1.00 60.12 ? 3   DT  B "C3'" 1 
ATOM   167 O  "O3'" . DT  B 1 3 ? 4.094   2.329   9.742   1.00 53.10 ? 3   DT  B "O3'" 1 
ATOM   168 C  "C2'" . DT  B 1 3 ? 2.728   4.303   9.253   1.00 53.79 ? 3   DT  B "C2'" 1 
ATOM   169 C  "C1'" . DT  B 1 3 ? 3.332   5.296   10.239  1.00 58.01 ? 3   DT  B "C1'" 1 
ATOM   170 N  N1    . DT  B 1 3 ? 2.643   6.621   10.355  1.00 53.89 ? 3   DT  B N1    1 
ATOM   171 C  C2    . DT  B 1 3 ? 1.808   6.874   11.426  1.00 48.59 ? 3   DT  B C2    1 
ATOM   172 O  O2    . DT  B 1 3 ? 1.560   6.067   12.307  1.00 59.31 ? 3   DT  B O2    1 
ATOM   173 N  N3    . DT  B 1 3 ? 1.253   8.126   11.422  1.00 47.66 ? 3   DT  B N3    1 
ATOM   174 C  C4    . DT  B 1 3 ? 1.454   9.127   10.487  1.00 61.11 ? 3   DT  B C4    1 
ATOM   175 O  O4    . DT  B 1 3 ? 0.902   10.220  10.587  1.00 55.84 ? 3   DT  B O4    1 
ATOM   176 C  C5    . DT  B 1 3 ? 2.344   8.795   9.396   1.00 47.88 ? 3   DT  B C5    1 
ATOM   177 C  C7    . DT  B 1 3 ? 2.646   9.791   8.313   1.00 46.81 ? 3   DT  B C7    1 
ATOM   178 C  C6    . DT  B 1 3 ? 2.890   7.576   9.388   1.00 47.23 ? 3   DT  B C6    1 
ATOM   179 P  P     . DA  B 1 4 ? 4.723   0.959   9.186   1.00 66.23 ? 4   DA  B P     1 
ATOM   180 O  OP1   . DA  B 1 4 ? 4.767   -0.010  10.306  1.00 58.55 ? 4   DA  B OP1   1 
ATOM   181 O  OP2   . DA  B 1 4 ? 5.962   1.293   8.433   1.00 54.70 ? 4   DA  B OP2   1 
ATOM   182 O  "O5'" . DA  B 1 4 ? 3.620   0.445   8.159   1.00 58.41 ? 4   DA  B "O5'" 1 
ATOM   183 C  "C5'" . DA  B 1 4 ? 2.260   0.439   8.573   1.00 50.78 ? 4   DA  B "C5'" 1 
ATOM   184 C  "C4'" . DA  B 1 4 ? 1.644   -0.902  8.244   1.00 52.68 ? 4   DA  B "C4'" 1 
ATOM   185 O  "O4'" . DA  B 1 4 ? 1.596   -1.079  6.811   1.00 54.68 ? 4   DA  B "O4'" 1 
ATOM   186 C  "C3'" . DA  B 1 4 ? 2.454   -2.091  8.720   1.00 55.34 ? 4   DA  B "C3'" 1 
ATOM   187 O  "O3'" . DA  B 1 4 ? 1.589   -3.191  8.744   1.00 51.28 ? 4   DA  B "O3'" 1 
ATOM   188 C  "C2'" . DA  B 1 4 ? 3.490   -2.249  7.616   1.00 46.89 ? 4   DA  B "C2'" 1 
ATOM   189 C  "C1'" . DA  B 1 4 ? 2.579   -2.017  6.415   1.00 49.09 ? 4   DA  B "C1'" 1 
ATOM   190 N  N9    . DA  B 1 4 ? 3.234   -1.485  5.231   1.00 40.82 ? 4   DA  B N9    1 
ATOM   191 C  C8    . DA  B 1 4 ? 4.401   -0.776  5.147   1.00 50.27 ? 4   DA  B C8    1 
ATOM   192 N  N7    . DA  B 1 4 ? 4.720   -0.440  3.917   1.00 44.90 ? 4   DA  B N7    1 
ATOM   193 C  C5    . DA  B 1 4 ? 3.682   -0.966  3.159   1.00 37.90 ? 4   DA  B C5    1 
ATOM   194 C  C6    . DA  B 1 4 ? 3.411   -0.963  1.780   1.00 32.94 ? 4   DA  B C6    1 
ATOM   195 N  N6    . DA  B 1 4 ? 4.218   -0.377  0.901   1.00 39.61 ? 4   DA  B N6    1 
ATOM   196 N  N1    . DA  B 1 4 ? 2.289   -1.577  1.342   1.00 30.62 ? 4   DA  B N1    1 
ATOM   197 C  C2    . DA  B 1 4 ? 1.492   -2.161  2.237   1.00 30.33 ? 4   DA  B C2    1 
ATOM   198 N  N3    . DA  B 1 4 ? 1.638   -2.230  3.559   1.00 37.71 ? 4   DA  B N3    1 
ATOM   199 C  C4    . DA  B 1 4 ? 2.761   -1.610  3.953   1.00 38.54 ? 4   DA  B C4    1 
ATOM   200 P  P     . DC  B 1 5 ? 1.899   -4.421  9.715   1.00 67.23 ? 5   DC  B P     1 
ATOM   201 O  OP1   . DC  B 1 5 ? 0.668   -4.698  10.495  1.00 47.07 ? 5   DC  B OP1   1 
ATOM   202 O  OP2   . DC  B 1 5 ? 3.202   -4.148  10.382  1.00 40.90 ? 5   DC  B OP2   1 
ATOM   203 O  "O5'" . DC  B 1 5 ? 2.135   -5.642  8.709   1.00 65.77 ? 5   DC  B "O5'" 1 
ATOM   204 C  "C5'" . DC  B 1 5 ? 1.034   -6.280  8.044   1.00 64.84 ? 5   DC  B "C5'" 1 
ATOM   205 C  "C4'" . DC  B 1 5 ? 1.567   -6.967  6.803   1.00 58.20 ? 5   DC  B "C4'" 1 
ATOM   206 O  "O4'" . DC  B 1 5 ? 1.984   -5.944  5.852   1.00 45.37 ? 5   DC  B "O4'" 1 
ATOM   207 C  "C3'" A DC  B 1 5 ? 2.863   -7.660  7.213   0.35 48.42 ? 5   DC  B "C3'" 1 
ATOM   208 C  "C3'" B DC  B 1 5 ? 2.684   -8.001  6.948   0.40 48.22 ? 5   DC  B "C3'" 1 
ATOM   209 C  "C3'" C DC  B 1 5 ? 2.775   -7.898  7.009   0.25 48.05 ? 5   DC  B "C3'" 1 
ATOM   210 O  "O3'" A DC  B 1 5 ? 2.662   -9.052  7.468   0.35 43.20 ? 5   DC  B "O3'" 1 
ATOM   211 O  "O3'" B DC  B 1 5 ? 2.289   -9.278  6.376   0.40 46.38 ? 5   DC  B "O3'" 1 
ATOM   212 O  "O3'" C DC  B 1 5 ? 2.518   -9.248  6.564   0.25 46.04 ? 5   DC  B "O3'" 1 
ATOM   213 C  "C2'" A DC  B 1 5 ? 3.856   -7.374  6.082   0.35 47.35 ? 5   DC  B "C2'" 1 
ATOM   214 C  "C2'" B DC  B 1 5 ? 3.815   -7.336  6.153   0.40 47.47 ? 5   DC  B "C2'" 1 
ATOM   215 C  "C2'" C DC  B 1 5 ? 3.868   -7.244  6.167   0.25 47.27 ? 5   DC  B "C2'" 1 
ATOM   216 C  "C1'" . DC  B 1 5 ? 3.035   -6.520  5.117   1.00 45.58 ? 5   DC  B "C1'" 1 
ATOM   217 N  N1    . DC  B 1 5 ? 3.838   -5.490  4.346   1.00 43.80 ? 5   DC  B N1    1 
ATOM   218 C  C2    . DC  B 1 5 ? 3.461   -5.193  3.027   1.00 39.83 ? 5   DC  B C2    1 
ATOM   219 O  O2    . DC  B 1 5 ? 2.474   -5.755  2.545   1.00 49.20 ? 5   DC  B O2    1 
ATOM   220 N  N3    . DC  B 1 5 ? 4.168   -4.302  2.297   1.00 32.52 ? 5   DC  B N3    1 
ATOM   221 C  C4    . DC  B 1 5 ? 5.228   -3.705  2.837   1.00 40.98 ? 5   DC  B C4    1 
ATOM   222 N  N4    . DC  B 1 5 ? 5.891   -2.829  2.069   1.00 34.82 ? 5   DC  B N4    1 
ATOM   223 C  C5    . DC  B 1 5 ? 5.642   -3.991  4.176   1.00 34.53 ? 5   DC  B C5    1 
ATOM   224 C  C6    . DC  B 1 5 ? 4.932   -4.882  4.886   1.00 43.17 ? 5   DC  B C6    1 
ATOM   225 P  P     A DG  B 1 6 ? 3.414   -9.764  8.698   0.35 41.35 ? 6   DG  B P     1 
ATOM   226 P  P     B DG  B 1 6 ? 1.095   -10.145 7.031   0.40 50.25 ? 6   DG  B P     1 
ATOM   227 P  P     C DG  B 1 6 ? 3.667   -10.376 6.664   0.25 44.62 ? 6   DG  B P     1 
ATOM   228 O  OP1   A DG  B 1 6 ? 4.287   -10.825 8.145   0.35 38.72 ? 6   DG  B OP1   1 
ATOM   229 O  OP1   B DG  B 1 6 ? -0.048  -9.240  7.287   0.40 45.24 ? 6   DG  B OP1   1 
ATOM   230 O  OP1   C DG  B 1 6 ? 3.009   -11.700 6.620   0.25 37.58 ? 6   DG  B OP1   1 
ATOM   231 O  OP2   A DG  B 1 6 ? 2.398   -10.085 9.725   0.35 34.58 ? 6   DG  B OP2   1 
ATOM   232 O  OP2   B DG  B 1 6 ? 1.662   -10.935 8.146   0.40 34.54 ? 6   DG  B OP2   1 
ATOM   233 O  OP2   C DG  B 1 6 ? 4.560   -10.020 7.790   0.25 36.34 ? 6   DG  B OP2   1 
ATOM   234 O  "O5'" A DG  B 1 6 ? 4.354   -8.609  9.287   0.35 39.37 ? 6   DG  B "O5'" 1 
ATOM   235 O  "O5'" B DG  B 1 6 ? 0.652   -11.132 5.844   0.40 31.91 ? 6   DG  B "O5'" 1 
ATOM   236 O  "O5'" C DG  B 1 6 ? 4.505   -10.186 5.312   0.25 38.04 ? 6   DG  B "O5'" 1 
ATOM   237 C  "C5'" A DG  B 1 6 ? 5.059   -8.818  10.508  0.35 28.42 ? 6   DG  B "C5'" 1 
ATOM   238 C  "C5'" B DG  B 1 6 ? -0.684  -11.633 5.793   0.40 26.07 ? 6   DG  B "C5'" 1 
ATOM   239 C  "C5'" C DG  B 1 6 ? 5.653   -10.989 5.058   0.25 24.90 ? 6   DG  B "C5'" 1 
HETATM 240 C  CA1   . RR2 C 2 . ? 5.678   4.305   -12.693 1.00 42.20 ? 101 RR2 A CA1   1 
HETATM 241 C  CA2   . RR2 C 2 . ? 6.892   3.658   -12.442 1.00 36.48 ? 101 RR2 A CA2   1 
HETATM 242 C  CA3   . RR2 C 2 . ? 8.095   4.353   -12.495 1.00 27.76 ? 101 RR2 A CA3   1 
HETATM 243 N  NA1   . RR2 C 2 . ? 5.611   5.606   -12.988 1.00 19.65 ? 101 RR2 A NA1   1 
HETATM 244 C  CA4   . RR2 C 2 . ? 6.730   6.331   -13.053 1.00 16.43 ? 101 RR2 A CA4   1 
HETATM 245 C  CA5   . RR2 C 2 . ? 8.046   5.701   -12.805 1.00 30.95 ? 101 RR2 A CA5   1 
HETATM 246 C  CA6   . RR2 C 2 . ? 9.209   6.456   -12.879 1.00 33.37 ? 101 RR2 A CA6   1 
HETATM 247 C  CA7   . RR2 C 2 . ? 9.186   7.818   -13.184 1.00 27.51 ? 101 RR2 A CA7   1 
HETATM 248 C  CA8   . RR2 C 2 . ? 6.701   7.765   -13.374 1.00 24.20 ? 101 RR2 A CA8   1 
HETATM 249 N  NA2   . RR2 C 2 . ? 5.546   8.418   -13.622 1.00 32.15 ? 101 RR2 A NA2   1 
HETATM 250 C  CA9   . RR2 C 2 . ? 7.995   8.491   -13.429 1.00 32.72 ? 101 RR2 A CA9   1 
HETATM 251 C  CA0   . RR2 C 2 . ? 7.979   9.847   -13.736 1.00 33.77 ? 101 RR2 A CA0   1 
HETATM 252 C  CAA   . RR2 C 2 . ? 6.748   10.454  -13.983 1.00 42.35 ? 101 RR2 A CAA   1 
HETATM 253 C  CAB   . RR2 C 2 . ? 5.556   9.722   -13.921 1.00 39.89 ? 101 RR2 A CAB   1 
HETATM 254 C  CB1   . RR2 C 2 . ? 5.121   5.827   -16.250 1.00 44.50 ? 101 RR2 A CB1   1 
HETATM 255 C  CB2   . RR2 C 2 . ? 4.819   5.711   -17.608 1.00 40.08 ? 101 RR2 A CB2   1 
HETATM 256 C  CB3   . RR2 C 2 . ? 3.741   6.398   -18.160 1.00 35.36 ? 101 RR2 A CB3   1 
HETATM 257 N  NB1   . RR2 C 2 . ? 4.393   6.596   -15.433 1.00 29.96 ? 101 RR2 A NB1   1 
HETATM 258 C  CB4   . RR2 C 2 . ? 3.349   7.286   -15.905 1.00 16.78 ? 101 RR2 A CB4   1 
HETATM 259 C  CB5   . RR2 C 2 . ? 2.976   7.207   -17.332 1.00 35.52 ? 101 RR2 A CB5   1 
HETATM 260 C  CB6   . RR2 C 2 . ? 1.885   7.928   -17.818 1.00 38.35 ? 101 RR2 A CB6   1 
HETATM 261 C  CB7   . RR2 C 2 . ? 1.113   8.737   -16.985 1.00 32.39 ? 101 RR2 A CB7   1 
HETATM 262 C  CB8   . RR2 C 2 . ? 2.545   8.140   -15.033 1.00 18.99 ? 101 RR2 A CB8   1 
HETATM 263 N  NB2   . RR2 C 2 . ? 2.830   8.263   -13.737 1.00 22.88 ? 101 RR2 A NB2   1 
HETATM 264 C  CB9   . RR2 C 2 . ? 1.404   8.862   -15.630 1.00 29.91 ? 101 RR2 A CB9   1 
HETATM 265 C  CB0   . RR2 C 2 . ? 0.645   9.667   -14.804 1.00 30.61 ? 101 RR2 A CB0   1 
HETATM 266 C  CBA   . RR2 C 2 . ? 0.993   9.748   -13.460 1.00 40.40 ? 101 RR2 A CBA   1 
HETATM 267 C  CBB   . RR2 C 2 . ? 2.082   9.040   -12.952 1.00 45.05 ? 101 RR2 A CBB   1 
HETATM 268 C  CC1   . RR2 C 2 . ? -2.032  -2.704  7.290   1.00 52.06 ? 101 RR2 A CC1   1 
HETATM 269 C  CC2   . RR2 C 2 . ? -1.909  -2.521  8.656   1.00 45.30 ? 101 RR2 A CC2   1 
HETATM 270 C  CC3   . RR2 C 2 . ? -2.551  -1.450  9.269   1.00 58.49 ? 101 RR2 A CC3   1 
HETATM 271 N  NC1   . RR2 C 2 . ? -2.755  -1.876  6.530   1.00 37.65 ? 101 RR2 A NC1   1 
HETATM 272 C  CC4   . RR2 C 2 . ? -3.403  -0.826  7.060   1.00 46.96 ? 101 RR2 A CC4   1 
HETATM 273 C  CC5   . RR2 C 2 . ? -3.309  -0.576  8.509   1.00 48.00 ? 101 RR2 A CC5   1 
HETATM 274 C  CC6   . RR2 C 2 . ? -3.966  0.507   9.080   1.00 34.16 ? 101 RR2 A CC6   1 
HETATM 275 C  CC7   . RR2 C 2 . ? -4.733  1.387   8.321   1.00 35.36 ? 101 RR2 A CC7   1 
HETATM 276 C  CC8   . RR2 C 2 . ? -4.217  0.110   6.250   1.00 43.96 ? 101 RR2 A CC8   1 
HETATM 277 N  NC2   . RR2 C 2 . ? -4.368  -0.030  4.921   1.00 33.83 ? 101 RR2 A NC2   1 
HETATM 278 C  CC9   . RR2 C 2 . ? -4.875  1.230   6.952   1.00 40.71 ? 101 RR2 A CC9   1 
HETATM 279 C  CC0   . RR2 C 2 . ? -5.634  2.113   6.205   1.00 52.64 ? 101 RR2 A CC0   1 
HETATM 280 C  CCA   . RR2 C 2 . ? -5.741  1.907   4.834   1.00 45.50 ? 101 RR2 A CCA   1 
HETATM 281 C  CCB   . RR2 C 2 . ? -5.101  0.835   4.219   1.00 38.16 ? 101 RR2 A CCB   1 
HETATM 282 C  CD1   . RR2 C 2 . ? -0.921  -3.642  4.169   1.00 35.18 ? 101 RR2 A CD1   1 
HETATM 283 C  CD2   . RR2 C 2 . ? -0.530  -4.977  4.039   1.00 40.24 ? 101 RR2 A CD2   1 
HETATM 284 C  CD3   . RR2 C 2 . ? -1.464  -6.005  4.134   1.00 40.00 ? 101 RR2 A CD3   1 
HETATM 285 N  ND1   . RR2 C 2 . ? -2.198  -3.310  4.387   1.00 26.65 ? 101 RR2 A ND1   1 
HETATM 286 C  CD4   . RR2 C 2 . ? -3.157  -4.254  4.497   1.00 29.89 ? 101 RR2 A CD4   1 
HETATM 287 C  CD5   . RR2 C 2 . ? -2.797  -5.688  4.362   1.00 39.01 ? 101 RR2 A CD5   1 
HETATM 288 C  CD6   . RR2 C 2 . ? -3.776  -6.679  4.467   1.00 39.25 ? 101 RR2 A CD6   1 
HETATM 289 C  CD7   . RR2 C 2 . ? -5.118  -6.365  4.703   1.00 40.48 ? 101 RR2 A CD7   1 
HETATM 290 C  CD8   . RR2 C 2 . ? -4.583  -3.919  4.750   1.00 29.75 ? 101 RR2 A CD8   1 
HETATM 291 N  ND2   . RR2 C 2 . ? -5.014  -2.646  4.879   1.00 25.02 ? 101 RR2 A ND2   1 
HETATM 292 C  CD9   . RR2 C 2 . ? -5.548  -5.045  4.850   1.00 36.61 ? 101 RR2 A CD9   1 
HETATM 293 C  CD0   . RR2 C 2 . ? -6.881  -4.744  5.084   1.00 34.97 ? 101 RR2 A CD0   1 
HETATM 294 C  CDA   . RR2 C 2 . ? -7.249  -3.403  5.211   1.00 41.53 ? 101 RR2 A CDA   1 
HETATM 295 C  CDB   . RR2 C 2 . ? -6.303  -2.382  5.105   1.00 37.73 ? 101 RR2 A CDB   1 
HETATM 296 RU RU1   . RR2 C 2 . ? 4.247   6.996   -13.511 1.00 36.22 ? 101 RR2 A RU1   1 
HETATM 297 RU RU2   . RR2 C 2 . ? -3.296  -1.655  4.657   1.00 41.70 ? 101 RR2 A RU2   1 
HETATM 298 C  C11   . RR2 C 2 . ? 0.422   2.224   -3.728  1.00 34.98 ? 101 RR2 A C11   1 
HETATM 299 C  C10   . RR2 C 2 . ? -0.566  1.507   -3.055  1.00 31.42 ? 101 RR2 A C10   1 
HETATM 300 C  C12   . RR2 C 2 . ? 1.479   2.664   -2.934  1.00 35.61 ? 101 RR2 A C12   1 
HETATM 301 C  C13   . RR2 C 2 . ? 1.531   2.429   -1.552  1.00 31.52 ? 101 RR2 A C13   1 
HETATM 302 C  C9B   . RR2 C 2 . ? 0.543   1.736   -0.888  1.00 30.93 ? 101 RR2 A C9B   1 
HETATM 303 C  C9A   . RR2 C 2 . ? -0.497  1.287   -1.670  1.00 29.74 ? 101 RR2 A C9A   1 
HETATM 304 N  N9    . RR2 C 2 . ? -1.479  0.611   -1.059  1.00 39.14 ? 101 RR2 A N9    1 
HETATM 305 N  N14   . RR2 C 2 . ? 0.587   1.504   0.467   1.00 36.89 ? 101 RR2 A N14   1 
HETATM 306 C  C8C   . RR2 C 2 . ? -0.422  0.807   1.067   1.00 32.79 ? 101 RR2 A C8C   1 
HETATM 307 C  C8D   . RR2 C 2 . ? -0.515  0.470   2.531   1.00 29.43 ? 101 RR2 A C8D   1 
HETATM 308 C  C4A   . RR2 C 2 . ? -1.606  -0.259  3.048   1.00 29.55 ? 101 RR2 A C4A   1 
HETATM 309 N  N4    . RR2 C 2 . ? -1.755  -0.601  4.343   1.00 21.66 ? 101 RR2 A N4    1 
HETATM 310 C  C3    . RR2 C 2 . ? -0.808  -0.222  5.189   1.00 39.50 ? 101 RR2 A C3    1 
HETATM 311 C  C2    . RR2 C 2 . ? 0.306   0.502   4.741   1.00 46.26 ? 101 RR2 A C2    1 
HETATM 312 C  C1    . RR2 C 2 . ? 0.466   0.856   3.407   1.00 32.45 ? 101 RR2 A C1    1 
HETATM 313 C  C8B   . RR2 C 2 . ? -1.455  0.369   0.263   1.00 35.48 ? 101 RR2 A C8B   1 
HETATM 314 C  C8A   . RR2 C 2 . ? -2.580  -0.391  0.853   1.00 30.85 ? 101 RR2 A C8A   1 
HETATM 315 C  C4B   . RR2 C 2 . ? -2.622  -0.677  2.209   1.00 32.93 ? 101 RR2 A C4B   1 
HETATM 316 C  C8    . RR2 C 2 . ? -3.598  -0.807  0.036   1.00 22.85 ? 101 RR2 A C8    1 
HETATM 317 C  C7    . RR2 C 2 . ? -4.626  -1.505  0.620   1.00 30.09 ? 101 RR2 A C7    1 
HETATM 318 C  C6    . RR2 C 2 . ? -4.632  -1.772  1.991   1.00 33.15 ? 101 RR2 A C6    1 
HETATM 319 N  N5    . RR2 C 2 . ? -3.640  -1.357  2.750   1.00 28.96 ? 101 RR2 A N5    1 
HETATM 320 C  C31   . RR2 C 2 . ? 0.468   2.438   -5.246  1.00 29.18 ? 101 RR2 A C31   1 
HETATM 321 C  C30   . RR2 C 2 . ? 1.307   3.453   -5.755  1.00 30.44 ? 101 RR2 A C30   1 
HETATM 322 C  C32   . RR2 C 2 . ? -0.097  1.549   -6.165  1.00 33.49 ? 101 RR2 A C32   1 
HETATM 323 C  C33   . RR2 C 2 . ? 0.060   1.774   -7.546  1.00 44.61 ? 101 RR2 A C33   1 
HETATM 324 C  C9D   . RR2 C 2 . ? 0.839   2.835   -8.042  1.00 36.94 ? 101 RR2 A C9D   1 
HETATM 325 C  C9C   . RR2 C 2 . ? 1.477   3.691   -7.137  1.00 38.66 ? 101 RR2 A C9C   1 
HETATM 326 N  N29   . RR2 C 2 . ? 2.252   4.739   -7.607  1.00 37.83 ? 101 RR2 A N29   1 
HETATM 327 N  N     . RR2 C 2 . ? 0.999   3.049   -9.384  1.00 33.52 ? 101 RR2 A N     1 
HETATM 328 C  C8G   . RR2 C 2 . ? 1.775   4.089   -9.848  1.00 33.90 ? 101 RR2 A C8G   1 
HETATM 329 C  C8H   . RR2 C 2 . ? 1.976   4.355   -11.317 1.00 33.88 ? 101 RR2 A C8H   1 
HETATM 330 C  C4C   . RR2 C 2 . ? 2.758   5.409   -11.786 1.00 33.14 ? 101 RR2 A C4C   1 
HETATM 331 N  N24   . RR2 C 2 . ? 2.944   5.665   -13.083 1.00 28.22 ? 101 RR2 A N24   1 
HETATM 332 C  C23   . RR2 C 2 . ? 2.385   4.910   -14.016 1.00 36.57 ? 101 RR2 A C23   1 
HETATM 333 C  C22   . RR2 C 2 . ? 1.592   3.841   -13.627 1.00 39.58 ? 101 RR2 A C22   1 
HETATM 334 C  C21   . RR2 C 2 . ? 1.382   3.557   -12.274 1.00 31.62 ? 101 RR2 A C21   1 
HETATM 335 C  C8F   . RR2 C 2 . ? 2.416   4.956   -8.952  1.00 34.30 ? 101 RR2 A C8F   1 
HETATM 336 C  C8E   . RR2 C 2 . ? 3.252   6.083   -9.530  1.00 38.07 ? 101 RR2 A C8E   1 
HETATM 337 C  C4D   . RR2 C 2 . ? 3.388   6.264   -10.927 1.00 36.28 ? 101 RR2 A C4D   1 
HETATM 338 C  C28   . RR2 C 2 . ? 3.908   6.975   -8.701  1.00 33.86 ? 101 RR2 A C28   1 
HETATM 339 C  C27   . RR2 C 2 . ? 4.646   7.979   -9.318  1.00 41.02 ? 101 RR2 A C27   1 
HETATM 340 C  C26   . RR2 C 2 . ? 4.726   8.082   -10.719 1.00 37.23 ? 101 RR2 A C26   1 
HETATM 341 N  N25   . RR2 C 2 . ? 4.100   7.235   -11.538 1.00 27.54 ? 101 RR2 A N25   1 
HETATM 342 O  O     . HOH D 3 . ? -5.727  5.944   8.568   1.00 24.02 ? 201 HOH A O     1 
HETATM 343 O  O     . HOH D 3 . ? -9.043  -1.357  -6.666  1.00 42.81 ? 202 HOH A O     1 
HETATM 344 O  O     . HOH D 3 . ? -4.338  5.538   5.919   1.00 38.97 ? 203 HOH A O     1 
HETATM 345 O  O     . HOH D 3 . ? -7.029  -2.206  8.723   1.00 39.57 ? 204 HOH A O     1 
HETATM 346 O  O     . HOH D 3 . ? -9.447  -0.905  5.788   1.00 40.82 ? 205 HOH A O     1 
HETATM 347 O  O     . HOH D 3 . ? -12.374 5.258   2.301   1.00 44.30 ? 206 HOH A O     1 
HETATM 348 O  O     . HOH D 3 . ? -5.483  -4.719  8.474   1.00 40.90 ? 207 HOH A O     1 
HETATM 349 O  O     . HOH D 3 . ? -8.619  -8.469  3.431   1.00 35.20 ? 208 HOH A O     1 
HETATM 350 O  O     . HOH D 3 . ? -11.654 -7.447  -0.746  1.00 36.87 ? 209 HOH A O     1 
HETATM 351 O  O     . HOH D 3 . ? -9.429  -8.842  0.647   1.00 45.07 ? 210 HOH A O     1 
HETATM 352 O  O     . HOH D 3 . ? 1.092   -0.447  -10.148 1.00 39.19 ? 211 HOH A O     1 
HETATM 353 O  O     . HOH D 3 . ? -1.188  2.211   7.637   1.00 39.76 ? 212 HOH A O     1 
HETATM 354 O  O     . HOH E 3 . ? -2.615  -6.261  8.191   1.00 44.37 ? 101 HOH B O     1 
HETATM 355 O  O     . HOH E 3 . ? 7.266   2.051   4.083   1.00 42.37 ? 102 HOH B O     1 
HETATM 356 O  O     . HOH E 3 . ? -0.977  6.759   4.290   1.00 42.87 ? 103 HOH B O     1 
HETATM 357 O  O     . HOH E 3 . ? 7.518   1.501   6.481   1.00 53.38 ? 104 HOH B O     1 
# 
